data_5NOP
#
_entry.id   5NOP
#
_cell.length_a   60.040
_cell.length_b   102.310
_cell.length_c   162.060
_cell.angle_alpha   90.000
_cell.angle_beta   90.000
_cell.angle_gamma   90.000
#
_symmetry.space_group_name_H-M   'P 21 21 21'
#
loop_
_entity.id
_entity.type
_entity.pdbx_description
1 polymer 'Attachment glycoprotein'
2 non-polymer 'CHLORIDE ION'
3 water water
#
_entity_poly.entity_id   1
_entity_poly.type   'polypeptide(L)'
_entity_poly.pdbx_seq_one_letter_code
;TGDTTDDDKVDTTIKPIEYPKPDGCNRTGDHFTMEPGANFYTVPNLGPASSNSDECYTNPSFSIGSSIYMFSQEIRKTDC
TAGEILSIQIVLGRIVDKGQQGPQASPLLVWAVPNPKIINSCAVAAGDEMGWVLCSVTLTAASGEPIPHMFDGFWLYKLE
PDTEVVSYRITGYAYLLDKQYDSVFIGKGGGIQKGNDLYFQMYGLSRNRQSFKALCEHGSCLGTGGGGYQVLCDRAVMSF
GSEESLITNAYLKVNDLASGKPVIIGQTFPPSDSYKGSNGRMYTIGDKYGLYLAPSSWNRYLRFGITPDISVRSTTWLKS
QDPIMKILSTCTNTDRDMCPEICNTRGYQDIFPLSEDSEYYTYIGITPNNGGTKNFVAVRDSDGHIASIDILQNYYSITS
ATISCFMYKDEIWCIAITEGKKQKDNPQRIYAHSYKIRQMCYNMKSATVTVGNAKNITIRRYGTKHHHHHH
;
_entity_poly.pdbx_strand_id   A,B
#
loop_
_chem_comp.id
_chem_comp.type
_chem_comp.name
_chem_comp.formula
CL non-polymer 'CHLORIDE ION' 'Cl -1'
#
# COMPACT_ATOMS: atom_id res chain seq x y z
N THR A 12 9.47 24.03 -30.56
CA THR A 12 10.74 24.43 -31.16
C THR A 12 11.20 25.77 -30.59
N THR A 13 10.25 26.55 -30.09
CA THR A 13 10.57 27.91 -29.64
C THR A 13 11.43 27.90 -28.38
N ILE A 14 11.19 26.97 -27.46
CA ILE A 14 12.03 26.83 -26.27
C ILE A 14 12.58 25.40 -26.20
N LYS A 15 13.63 25.25 -25.41
CA LYS A 15 14.29 23.99 -25.15
C LYS A 15 14.63 23.94 -23.67
N PRO A 16 14.83 22.76 -23.11
CA PRO A 16 15.38 22.69 -21.75
C PRO A 16 16.73 23.41 -21.65
N ILE A 17 17.02 23.90 -20.45
CA ILE A 17 18.22 24.69 -20.25
C ILE A 17 19.46 23.89 -20.62
N GLU A 18 20.41 24.57 -21.22
CA GLU A 18 21.74 24.03 -21.47
C GLU A 18 22.70 24.83 -20.61
N TYR A 19 23.31 24.17 -19.64
CA TYR A 19 24.19 24.86 -18.72
C TYR A 19 25.43 25.36 -19.46
N PRO A 20 25.90 26.56 -19.15
CA PRO A 20 27.05 27.11 -19.88
C PRO A 20 28.31 26.32 -19.63
N LYS A 21 29.18 26.32 -20.64
CA LYS A 21 30.47 25.62 -20.56
C LYS A 21 31.54 26.49 -19.90
N ASP A 30 40.82 35.77 -15.03
CA ASP A 30 39.49 35.91 -15.63
C ASP A 30 38.45 35.11 -14.85
N HIS A 31 37.27 35.68 -14.70
CA HIS A 31 36.20 35.08 -13.91
C HIS A 31 34.92 35.04 -14.72
N PHE A 32 34.41 33.82 -14.95
CA PHE A 32 33.10 33.63 -15.57
C PHE A 32 32.00 33.89 -14.55
N THR A 33 31.15 34.88 -14.83
CA THR A 33 30.03 35.20 -13.96
C THR A 33 28.73 35.17 -14.77
N MET A 34 27.62 35.12 -14.06
CA MET A 34 26.30 35.26 -14.65
C MET A 34 25.52 36.29 -13.86
N GLU A 35 24.63 37.00 -14.56
CA GLU A 35 23.82 38.02 -13.91
C GLU A 35 22.47 38.06 -14.61
N PRO A 36 21.43 38.53 -13.93
CA PRO A 36 20.14 38.70 -14.61
C PRO A 36 20.19 39.82 -15.63
N GLY A 37 19.34 39.68 -16.65
CA GLY A 37 19.16 40.73 -17.61
C GLY A 37 18.66 42.01 -16.95
N ALA A 38 18.83 43.10 -17.69
CA ALA A 38 18.53 44.42 -17.12
C ALA A 38 17.04 44.61 -16.86
N ASN A 39 16.18 44.06 -17.72
CA ASN A 39 14.74 44.27 -17.65
C ASN A 39 14.00 43.04 -17.18
N PHE A 40 12.77 43.28 -16.73
CA PHE A 40 11.88 42.27 -16.14
C PHE A 40 10.57 42.43 -16.89
N TYR A 41 10.41 41.71 -18.00
CA TYR A 41 9.29 41.93 -18.91
C TYR A 41 8.03 41.21 -18.46
N THR A 42 6.88 41.83 -18.70
CA THR A 42 5.62 41.18 -18.38
C THR A 42 5.39 39.95 -19.27
N VAL A 43 4.69 38.97 -18.71
CA VAL A 43 4.18 37.81 -19.43
C VAL A 43 2.68 37.77 -19.18
N PRO A 44 1.89 38.55 -19.92
CA PRO A 44 0.48 38.69 -19.57
C PRO A 44 -0.30 37.42 -19.85
N ASN A 45 -1.37 37.24 -19.10
CA ASN A 45 -2.36 36.19 -19.34
C ASN A 45 -1.75 34.79 -19.43
N LEU A 46 -0.71 34.55 -18.63
CA LEU A 46 -0.23 33.17 -18.47
C LEU A 46 -1.33 32.29 -17.88
N GLY A 47 -2.10 32.84 -16.95
CA GLY A 47 -3.35 32.26 -16.53
C GLY A 47 -4.39 33.34 -16.31
N PRO A 48 -5.66 32.98 -16.32
CA PRO A 48 -6.72 33.98 -16.21
C PRO A 48 -6.91 34.44 -14.78
N ALA A 49 -7.65 35.53 -14.64
CA ALA A 49 -7.90 36.10 -13.32
C ALA A 49 -9.14 36.98 -13.37
N SER A 50 -9.99 36.82 -12.37
CA SER A 50 -11.15 37.68 -12.21
C SER A 50 -10.77 38.92 -11.40
N SER A 51 -11.55 39.98 -11.56
CA SER A 51 -11.35 41.20 -10.81
C SER A 51 -12.13 41.24 -9.50
N ASN A 52 -12.83 40.16 -9.17
CA ASN A 52 -13.63 40.06 -7.96
C ASN A 52 -12.80 40.36 -6.72
N SER A 53 -13.10 41.47 -6.05
CA SER A 53 -12.31 41.93 -4.92
C SER A 53 -12.45 41.05 -3.70
N ASP A 54 -13.40 40.11 -3.69
CA ASP A 54 -13.57 39.19 -2.57
C ASP A 54 -12.85 37.86 -2.80
N GLU A 55 -12.09 37.73 -3.88
CA GLU A 55 -11.35 36.51 -4.17
C GLU A 55 -9.85 36.78 -4.12
N CYS A 56 -9.13 35.86 -3.50
CA CYS A 56 -7.69 35.90 -3.42
C CYS A 56 -7.11 34.80 -4.30
N TYR A 57 -6.21 35.16 -5.20
CA TYR A 57 -5.50 34.20 -6.04
C TYR A 57 -4.16 33.90 -5.38
N THR A 58 -3.88 32.62 -5.11
CA THR A 58 -2.72 32.29 -4.28
C THR A 58 -2.20 30.89 -4.59
N ASN A 59 -1.03 30.61 -4.03
CA ASN A 59 -0.38 29.31 -4.08
C ASN A 59 -0.29 28.74 -5.51
N PRO A 60 0.34 29.46 -6.43
CA PRO A 60 0.51 28.92 -7.77
C PRO A 60 1.52 27.80 -7.79
N SER A 61 1.38 26.97 -8.82
CA SER A 61 2.34 25.94 -9.18
C SER A 61 2.62 26.10 -10.66
N PHE A 62 3.90 26.12 -11.02
CA PHE A 62 4.31 26.43 -12.39
C PHE A 62 5.41 25.50 -12.82
N SER A 63 5.21 24.83 -13.94
CA SER A 63 6.17 23.85 -14.44
C SER A 63 6.32 24.04 -15.95
N ILE A 64 7.56 24.00 -16.43
CA ILE A 64 7.85 24.12 -17.85
C ILE A 64 8.50 22.81 -18.30
N GLY A 65 7.96 22.22 -19.37
CA GLY A 65 8.56 21.02 -19.91
C GLY A 65 9.42 21.27 -21.13
N SER A 66 9.15 20.54 -22.21
CA SER A 66 9.88 20.71 -23.46
C SER A 66 9.44 21.96 -24.18
N SER A 67 8.14 22.24 -24.16
CA SER A 67 7.61 23.42 -24.82
C SER A 67 6.34 23.87 -24.10
N ILE A 68 5.59 22.91 -23.56
CA ILE A 68 4.37 23.27 -22.87
C ILE A 68 4.69 23.68 -21.44
N TYR A 69 3.79 24.47 -20.87
CA TYR A 69 3.85 24.77 -19.45
C TYR A 69 2.56 24.33 -18.79
N MET A 70 2.66 24.12 -17.49
CA MET A 70 1.54 23.81 -16.63
C MET A 70 1.52 24.83 -15.51
N PHE A 71 0.32 25.28 -15.15
CA PHE A 71 0.13 26.32 -14.16
C PHE A 71 -1.17 26.04 -13.42
N SER A 72 -1.12 26.14 -12.10
CA SER A 72 -2.30 26.00 -11.26
C SER A 72 -2.32 27.12 -10.24
N GLN A 73 -3.52 27.46 -9.79
CA GLN A 73 -3.72 28.52 -8.81
C GLN A 73 -4.94 28.20 -7.98
N GLU A 74 -4.86 28.52 -6.69
CA GLU A 74 -6.01 28.45 -5.81
C GLU A 74 -6.72 29.79 -5.81
N ILE A 75 -8.04 29.74 -5.91
CA ILE A 75 -8.88 30.93 -5.79
C ILE A 75 -9.68 30.75 -4.51
N ARG A 76 -9.41 31.59 -3.52
CA ARG A 76 -9.99 31.47 -2.19
C ARG A 76 -10.86 32.68 -1.89
N LYS A 77 -11.87 32.44 -1.06
CA LYS A 77 -12.80 33.49 -0.65
C LYS A 77 -12.20 34.28 0.51
N THR A 78 -12.04 35.59 0.30
CA THR A 78 -11.66 36.58 1.32
C THR A 78 -10.24 36.41 1.83
N ASP A 79 -9.95 35.31 2.52
CA ASP A 79 -8.66 35.09 3.20
C ASP A 79 -7.74 34.24 2.33
N CYS A 80 -6.53 34.75 2.10
CA CYS A 80 -5.57 34.03 1.25
C CYS A 80 -5.02 32.79 1.91
N THR A 81 -5.10 32.68 3.24
CA THR A 81 -4.46 31.58 3.94
C THR A 81 -5.44 30.50 4.35
N ALA A 82 -6.56 30.88 4.95
CA ALA A 82 -7.54 29.94 5.45
C ALA A 82 -8.88 30.02 4.76
N GLY A 83 -9.04 30.96 3.81
CA GLY A 83 -10.30 31.09 3.13
C GLY A 83 -10.63 29.85 2.32
N GLU A 84 -11.94 29.60 2.17
CA GLU A 84 -12.41 28.44 1.43
C GLU A 84 -11.93 28.47 -0.01
N ILE A 85 -11.41 27.33 -0.47
CA ILE A 85 -10.96 27.19 -1.85
C ILE A 85 -12.18 27.11 -2.76
N LEU A 86 -12.47 28.20 -3.46
CA LEU A 86 -13.61 28.25 -4.37
C LEU A 86 -13.34 27.48 -5.65
N SER A 87 -12.10 27.46 -6.09
CA SER A 87 -11.72 26.78 -7.32
C SER A 87 -10.21 26.58 -7.32
N ILE A 88 -9.78 25.52 -7.99
CA ILE A 88 -8.38 25.33 -8.34
C ILE A 88 -8.34 25.29 -9.86
N GLN A 89 -7.73 26.31 -10.46
CA GLN A 89 -7.75 26.50 -11.90
C GLN A 89 -6.42 26.04 -12.51
N ILE A 90 -6.50 25.27 -13.60
CA ILE A 90 -5.36 24.65 -14.26
C ILE A 90 -5.23 25.24 -15.66
N VAL A 91 -4.00 25.54 -16.08
CA VAL A 91 -3.73 26.00 -17.43
C VAL A 91 -2.63 25.14 -18.00
N LEU A 92 -2.90 24.48 -19.12
CA LEU A 92 -1.88 23.91 -19.98
C LEU A 92 -1.63 24.90 -21.12
N GLY A 93 -0.38 25.26 -21.33
CA GLY A 93 -0.11 26.27 -22.34
C GLY A 93 1.20 26.02 -23.04
N ARG A 94 1.61 26.97 -23.87
CA ARG A 94 2.89 26.88 -24.56
C ARG A 94 3.62 28.21 -24.39
N ILE A 95 4.93 28.14 -24.22
CA ILE A 95 5.78 29.32 -24.21
C ILE A 95 6.17 29.61 -25.65
N VAL A 96 5.86 30.83 -26.13
CA VAL A 96 5.99 31.18 -27.54
C VAL A 96 6.55 32.59 -27.70
N ASP A 97 6.99 32.87 -28.92
CA ASP A 97 7.43 34.19 -29.33
C ASP A 97 6.27 34.89 -30.02
N LYS A 98 5.79 35.99 -29.44
CA LYS A 98 4.72 36.79 -30.02
C LYS A 98 5.24 38.13 -30.52
N GLY A 99 6.53 38.19 -30.84
CA GLY A 99 7.11 39.42 -31.33
C GLY A 99 7.37 40.47 -30.26
N GLN A 100 7.38 40.09 -28.99
CA GLN A 100 7.67 41.02 -27.89
C GLN A 100 9.13 40.91 -27.48
N GLN A 101 9.52 41.72 -26.49
CA GLN A 101 10.91 41.75 -26.06
C GLN A 101 11.33 40.44 -25.38
N GLY A 102 10.41 39.75 -24.74
CA GLY A 102 10.71 38.50 -24.09
C GLY A 102 9.69 37.43 -24.47
N PRO A 103 9.90 36.21 -23.99
CA PRO A 103 8.96 35.13 -24.31
C PRO A 103 7.58 35.42 -23.75
N GLN A 104 6.59 34.77 -24.33
CA GLN A 104 5.19 35.00 -24.00
C GLN A 104 4.46 33.67 -23.82
N ALA A 105 3.22 33.74 -23.35
CA ALA A 105 2.45 32.56 -23.00
C ALA A 105 1.17 32.49 -23.82
N SER A 106 0.81 31.27 -24.23
CA SER A 106 -0.44 31.02 -24.94
C SER A 106 -1.16 29.88 -24.24
N PRO A 107 -2.20 30.17 -23.47
CA PRO A 107 -2.99 29.07 -22.89
C PRO A 107 -3.59 28.20 -23.97
N LEU A 108 -3.58 26.90 -23.74
CA LEU A 108 -4.23 25.94 -24.63
C LEU A 108 -5.46 25.31 -24.02
N LEU A 109 -5.44 25.09 -22.71
CA LEU A 109 -6.53 24.47 -21.95
C LEU A 109 -6.68 25.22 -20.64
N VAL A 110 -7.90 25.59 -20.31
CA VAL A 110 -8.24 26.14 -19.00
C VAL A 110 -9.28 25.22 -18.38
N TRP A 111 -8.96 24.69 -17.20
CA TRP A 111 -9.73 23.60 -16.60
C TRP A 111 -9.67 23.72 -15.09
N ALA A 112 -10.72 23.27 -14.43
CA ALA A 112 -10.81 23.35 -12.98
C ALA A 112 -10.80 21.97 -12.36
N VAL A 113 -10.11 21.84 -11.23
CA VAL A 113 -10.08 20.59 -10.48
C VAL A 113 -11.47 20.29 -9.95
N PRO A 114 -12.00 19.08 -10.16
CA PRO A 114 -13.33 18.78 -9.61
C PRO A 114 -13.32 18.79 -8.09
N ASN A 115 -14.46 19.15 -7.52
CA ASN A 115 -14.69 19.11 -6.08
C ASN A 115 -13.58 19.76 -5.26
N PRO A 116 -13.34 21.06 -5.45
CA PRO A 116 -12.19 21.68 -4.79
C PRO A 116 -12.29 21.73 -3.27
N LYS A 117 -13.50 21.65 -2.71
CA LYS A 117 -13.64 21.76 -1.26
C LYS A 117 -13.03 20.57 -0.52
N ILE A 118 -12.80 19.46 -1.22
CA ILE A 118 -12.18 18.27 -0.63
C ILE A 118 -10.67 18.29 -0.74
N ILE A 119 -10.10 19.18 -1.54
CA ILE A 119 -8.68 19.19 -1.81
C ILE A 119 -7.91 19.74 -0.61
N ASN A 120 -6.83 19.06 -0.23
CA ASN A 120 -5.83 19.70 0.63
C ASN A 120 -4.95 20.64 -0.19
N SER A 121 -4.21 20.11 -1.16
CA SER A 121 -3.49 20.96 -2.11
C SER A 121 -3.15 20.13 -3.35
N CYS A 122 -2.77 20.84 -4.42
CA CYS A 122 -2.37 20.25 -5.69
C CYS A 122 -1.06 20.88 -6.16
N ALA A 123 -0.39 20.21 -7.09
CA ALA A 123 0.73 20.79 -7.81
C ALA A 123 0.77 20.22 -9.22
N VAL A 124 1.59 20.82 -10.08
CA VAL A 124 1.64 20.49 -11.49
C VAL A 124 3.02 19.98 -11.88
N ALA A 125 3.06 19.25 -12.99
CA ALA A 125 4.29 18.81 -13.64
C ALA A 125 4.06 18.81 -15.14
N ALA A 126 4.97 19.45 -15.88
CA ALA A 126 4.87 19.55 -17.32
C ALA A 126 5.68 18.45 -17.99
N GLY A 127 5.06 17.77 -18.95
CA GLY A 127 5.77 16.76 -19.73
C GLY A 127 5.93 17.16 -21.18
N ASP A 128 5.95 16.17 -22.08
CA ASP A 128 6.13 16.40 -23.51
C ASP A 128 4.75 16.45 -24.16
N GLU A 129 4.29 17.66 -24.48
CA GLU A 129 2.96 17.87 -25.05
C GLU A 129 1.85 17.28 -24.17
N MET A 130 2.09 17.21 -22.86
CA MET A 130 1.07 16.82 -21.91
C MET A 130 1.49 17.28 -20.53
N GLY A 131 0.54 17.35 -19.61
CA GLY A 131 0.82 17.85 -18.28
C GLY A 131 0.02 17.06 -17.25
N TRP A 132 0.47 17.18 -15.99
CA TRP A 132 -0.05 16.39 -14.90
C TRP A 132 -0.41 17.26 -13.72
N VAL A 133 -1.52 16.94 -13.05
CA VAL A 133 -1.92 17.60 -11.82
C VAL A 133 -2.05 16.50 -10.76
N LEU A 134 -1.31 16.65 -9.65
CA LEU A 134 -1.40 15.72 -8.53
C LEU A 134 -2.02 16.44 -7.33
N CYS A 135 -3.10 15.90 -6.82
CA CYS A 135 -3.83 16.47 -5.69
C CYS A 135 -3.95 15.44 -4.58
N SER A 136 -3.78 15.89 -3.35
CA SER A 136 -4.16 15.13 -2.17
C SER A 136 -5.52 15.60 -1.70
N VAL A 137 -6.30 14.68 -1.16
CA VAL A 137 -7.63 15.00 -0.67
C VAL A 137 -7.76 14.54 0.76
N THR A 138 -8.70 15.18 1.46
CA THR A 138 -9.09 14.83 2.81
C THR A 138 -10.34 13.96 2.76
N LEU A 139 -10.75 13.44 3.92
CA LEU A 139 -11.94 12.61 3.98
C LEU A 139 -13.19 13.45 3.82
N THR A 140 -14.26 12.80 3.39
CA THR A 140 -15.55 13.46 3.20
C THR A 140 -16.57 12.86 4.16
N ALA A 141 -17.39 13.72 4.76
CA ALA A 141 -18.50 13.24 5.56
C ALA A 141 -19.60 12.70 4.64
N ALA A 142 -20.62 12.09 5.24
CA ALA A 142 -21.74 11.61 4.43
C ALA A 142 -22.44 12.77 3.72
N SER A 143 -22.40 13.96 4.32
CA SER A 143 -22.97 15.14 3.68
C SER A 143 -22.18 15.59 2.45
N GLY A 144 -21.02 14.99 2.17
CA GLY A 144 -20.13 15.47 1.14
C GLY A 144 -19.17 16.56 1.58
N GLU A 145 -19.38 17.15 2.76
CA GLU A 145 -18.49 18.19 3.26
C GLU A 145 -17.14 17.59 3.64
N PRO A 146 -16.07 18.36 3.56
CA PRO A 146 -14.76 17.85 3.93
C PRO A 146 -14.63 17.70 5.44
N ILE A 147 -13.90 16.67 5.85
CA ILE A 147 -13.41 16.59 7.22
C ILE A 147 -12.01 17.17 7.24
N PRO A 148 -11.83 18.40 7.70
CA PRO A 148 -10.53 19.07 7.60
C PRO A 148 -9.43 18.33 8.37
N HIS A 149 -8.20 18.51 7.91
CA HIS A 149 -6.95 17.98 8.49
C HIS A 149 -6.74 16.51 8.18
N MET A 150 -7.48 15.91 7.27
CA MET A 150 -7.34 14.49 7.11
C MET A 150 -6.72 14.15 5.76
N PHE A 151 -6.76 12.87 5.41
CA PHE A 151 -6.11 12.37 4.22
C PHE A 151 -6.90 11.18 3.72
N ASP A 152 -7.26 11.21 2.43
CA ASP A 152 -8.02 10.14 1.78
C ASP A 152 -7.42 9.87 0.41
N GLY A 153 -6.11 9.76 0.35
CA GLY A 153 -5.45 9.41 -0.89
C GLY A 153 -5.31 10.59 -1.84
N PHE A 154 -5.23 10.26 -3.12
CA PHE A 154 -4.87 11.22 -4.15
C PHE A 154 -5.82 11.13 -5.35
N TRP A 155 -5.83 12.23 -6.11
CA TRP A 155 -6.31 12.26 -7.48
C TRP A 155 -5.16 12.70 -8.37
N LEU A 156 -4.95 12.01 -9.47
CA LEU A 156 -3.98 12.42 -10.48
C LEU A 156 -4.74 12.68 -11.77
N TYR A 157 -4.43 13.80 -12.44
CA TYR A 157 -5.05 14.16 -13.71
C TYR A 157 -4.00 14.35 -14.79
N LYS A 158 -4.28 13.82 -15.98
CA LYS A 158 -3.42 13.99 -17.15
C LYS A 158 -4.14 14.87 -18.16
N LEU A 159 -3.54 15.99 -18.51
CA LEU A 159 -4.10 16.93 -19.46
C LEU A 159 -3.28 16.90 -20.74
N GLU A 160 -3.97 16.87 -21.87
CA GLU A 160 -3.34 16.77 -23.16
C GLU A 160 -4.26 17.46 -24.15
N PRO A 161 -3.74 18.31 -25.03
CA PRO A 161 -4.60 18.96 -26.03
C PRO A 161 -5.30 17.93 -26.91
N ASP A 162 -6.57 18.21 -27.20
CA ASP A 162 -7.40 17.40 -28.10
C ASP A 162 -7.62 16.00 -27.54
N THR A 163 -7.51 15.87 -26.23
CA THR A 163 -7.68 14.62 -25.51
C THR A 163 -8.48 14.94 -24.26
N GLU A 164 -9.49 14.15 -23.95
CA GLU A 164 -10.24 14.44 -22.74
C GLU A 164 -9.35 14.19 -21.53
N VAL A 165 -9.52 15.03 -20.49
CA VAL A 165 -8.77 14.83 -19.26
C VAL A 165 -8.93 13.40 -18.79
N VAL A 166 -7.82 12.80 -18.36
CA VAL A 166 -7.86 11.48 -17.74
C VAL A 166 -7.65 11.66 -16.24
N SER A 167 -8.54 11.05 -15.46
CA SER A 167 -8.49 11.11 -14.01
C SER A 167 -8.09 9.76 -13.46
N TYR A 168 -7.24 9.75 -12.44
CA TYR A 168 -6.80 8.53 -11.78
C TYR A 168 -7.02 8.69 -10.29
N ARG A 169 -7.95 7.91 -9.73
CA ARG A 169 -8.14 7.91 -8.29
C ARG A 169 -7.15 6.96 -7.63
N ILE A 170 -6.38 7.45 -6.67
CA ILE A 170 -5.31 6.66 -6.07
C ILE A 170 -5.62 6.55 -4.58
N THR A 171 -6.29 5.46 -4.18
CA THR A 171 -6.62 5.23 -2.78
C THR A 171 -5.66 4.19 -2.19
N GLY A 172 -6.03 3.64 -1.03
CA GLY A 172 -5.08 2.87 -0.24
C GLY A 172 -4.42 1.71 -0.98
N TYR A 173 -5.20 0.99 -1.79
CA TYR A 173 -4.64 -0.15 -2.50
C TYR A 173 -3.53 0.27 -3.47
N ALA A 174 -3.46 1.54 -3.85
CA ALA A 174 -2.52 1.97 -4.87
C ALA A 174 -1.47 2.94 -4.35
N TYR A 175 -1.28 3.07 -3.04
CA TYR A 175 -0.18 3.88 -2.53
C TYR A 175 0.43 3.24 -1.29
N LEU A 176 1.73 3.51 -1.10
CA LEU A 176 2.49 3.12 0.09
C LEU A 176 3.26 4.34 0.61
N LEU A 177 3.13 4.64 1.88
CA LEU A 177 3.95 5.67 2.53
C LEU A 177 4.74 5.00 3.65
N ASP A 178 6.03 5.35 3.77
CA ASP A 178 6.87 4.73 4.78
C ASP A 178 6.48 5.11 6.21
N LYS A 179 5.64 6.12 6.37
CA LYS A 179 5.03 6.45 7.66
C LYS A 179 3.55 6.69 7.43
N GLN A 180 2.77 6.53 8.49
CA GLN A 180 1.35 6.83 8.43
C GLN A 180 1.15 8.34 8.48
N TYR A 181 0.45 8.88 7.49
CA TYR A 181 0.17 10.31 7.44
C TYR A 181 -1.31 10.54 7.72
N ASP A 182 -1.59 11.43 8.67
CA ASP A 182 -2.95 11.87 8.91
C ASP A 182 -3.37 13.03 8.03
N SER A 183 -2.41 13.77 7.47
CA SER A 183 -2.69 14.81 6.49
C SER A 183 -1.56 14.84 5.48
N VAL A 184 -1.89 15.17 4.25
CA VAL A 184 -0.92 15.22 3.15
C VAL A 184 -1.23 16.44 2.29
N PHE A 185 -0.20 17.24 2.02
CA PHE A 185 -0.28 18.40 1.14
C PHE A 185 0.81 18.27 0.10
N ILE A 186 0.44 18.31 -1.18
CA ILE A 186 1.43 18.29 -2.25
C ILE A 186 2.19 19.61 -2.24
N GLY A 187 3.51 19.54 -2.41
CA GLY A 187 4.31 20.75 -2.43
C GLY A 187 3.99 21.59 -3.66
N LYS A 188 3.55 22.83 -3.45
CA LYS A 188 3.08 23.66 -4.57
C LYS A 188 4.16 24.00 -5.56
N GLY A 189 5.43 23.82 -5.21
CA GLY A 189 6.49 24.09 -6.16
C GLY A 189 6.39 23.26 -7.42
N GLY A 190 5.80 22.08 -7.33
CA GLY A 190 5.53 21.27 -8.50
C GLY A 190 6.42 20.04 -8.57
N GLY A 191 6.17 19.26 -9.61
CA GLY A 191 6.86 18.00 -9.81
C GLY A 191 7.49 17.96 -11.19
N ILE A 192 8.05 16.80 -11.54
CA ILE A 192 8.73 16.57 -12.81
C ILE A 192 8.26 15.24 -13.36
N GLN A 193 8.37 15.09 -14.68
CA GLN A 193 8.22 13.79 -15.33
C GLN A 193 9.58 13.30 -15.80
N LYS A 194 9.88 12.04 -15.52
CA LYS A 194 11.10 11.40 -16.02
C LYS A 194 10.69 10.03 -16.55
N GLY A 195 10.65 9.88 -17.87
CA GLY A 195 10.26 8.61 -18.45
C GLY A 195 8.81 8.28 -18.10
N ASN A 196 8.61 7.08 -17.54
CA ASN A 196 7.28 6.60 -17.17
C ASN A 196 6.90 6.94 -15.74
N ASP A 197 7.60 7.89 -15.12
CA ASP A 197 7.37 8.22 -13.72
C ASP A 197 7.19 9.72 -13.55
N LEU A 198 6.47 10.09 -12.50
CA LEU A 198 6.41 11.46 -12.03
C LEU A 198 7.01 11.50 -10.63
N TYR A 199 7.62 12.63 -10.28
CA TYR A 199 8.16 12.82 -8.95
C TYR A 199 7.63 14.14 -8.40
N PHE A 200 7.02 14.10 -7.23
CA PHE A 200 6.52 15.26 -6.50
C PHE A 200 7.07 15.23 -5.09
N GLN A 201 6.79 16.28 -4.34
CA GLN A 201 7.09 16.38 -2.92
C GLN A 201 5.79 16.64 -2.17
N MET A 202 5.72 16.14 -0.95
CA MET A 202 4.56 16.41 -0.12
C MET A 202 5.02 16.60 1.32
N TYR A 203 4.12 17.15 2.13
CA TYR A 203 4.37 17.34 3.55
C TYR A 203 3.05 17.19 4.27
N GLY A 204 3.13 16.89 5.56
CA GLY A 204 1.92 16.77 6.36
C GLY A 204 2.22 16.14 7.69
N LEU A 205 1.15 15.77 8.39
CA LEU A 205 1.25 15.18 9.71
C LEU A 205 1.53 13.69 9.60
N SER A 206 2.65 13.25 10.14
CA SER A 206 2.98 11.83 10.14
C SER A 206 3.05 11.34 11.58
N ARG A 207 2.75 10.06 11.77
CA ARG A 207 2.75 9.49 13.11
C ARG A 207 4.16 9.04 13.48
N ASN A 208 4.52 9.29 14.73
CA ASN A 208 5.84 8.94 15.21
C ASN A 208 5.73 8.21 16.54
N ARG A 209 6.55 7.17 16.71
CA ARG A 209 6.57 6.40 17.95
C ARG A 209 7.97 6.22 18.53
N GLN A 210 8.98 6.80 17.91
CA GLN A 210 10.37 6.61 18.30
C GLN A 210 10.99 7.97 18.61
N SER A 211 12.05 7.95 19.42
CA SER A 211 12.74 9.19 19.71
C SER A 211 13.48 9.66 18.47
N PHE A 212 13.81 10.96 18.45
CA PHE A 212 14.52 11.52 17.31
C PHE A 212 15.34 12.70 17.79
N LYS A 213 16.31 13.09 16.96
CA LYS A 213 17.15 14.25 17.22
C LYS A 213 17.05 15.14 15.99
N ALA A 214 16.23 16.18 16.05
CA ALA A 214 15.95 17.00 14.87
C ALA A 214 17.20 17.78 14.43
N LEU A 215 17.28 18.01 13.12
CA LEU A 215 18.31 18.89 12.56
C LEU A 215 18.26 20.25 13.24
N CYS A 216 19.43 20.78 13.59
CA CYS A 216 19.51 21.94 14.47
C CYS A 216 20.77 22.75 14.17
N GLU A 217 20.97 23.09 12.91
CA GLU A 217 22.16 23.84 12.51
C GLU A 217 21.86 25.32 12.62
N HIS A 218 22.75 26.05 13.30
CA HIS A 218 22.54 27.47 13.51
C HIS A 218 23.90 28.12 13.76
N GLY A 219 23.89 29.41 13.96
CA GLY A 219 25.10 30.20 14.22
C GLY A 219 25.42 30.27 15.69
N SER A 220 26.04 31.39 16.11
CA SER A 220 26.36 31.62 17.52
C SER A 220 25.11 32.02 18.26
N CYS A 221 24.70 31.19 19.21
CA CYS A 221 23.45 31.35 19.92
C CYS A 221 23.72 31.13 21.41
N LEU A 222 23.42 32.12 22.23
CA LEU A 222 23.68 32.01 23.67
C LEU A 222 22.78 30.95 24.30
N GLY A 223 23.40 29.93 24.91
CA GLY A 223 22.64 28.81 25.43
C GLY A 223 22.32 28.94 26.91
N THR A 224 21.55 27.96 27.40
CA THR A 224 21.21 27.86 28.80
C THR A 224 21.99 26.68 29.37
N GLY A 225 21.40 25.48 29.45
CA GLY A 225 22.16 24.31 29.85
C GLY A 225 23.06 23.75 28.77
N GLY A 226 22.71 23.99 27.50
CA GLY A 226 23.47 23.47 26.37
C GLY A 226 22.64 22.61 25.44
N GLY A 227 21.63 21.93 25.98
CA GLY A 227 20.70 21.18 25.17
C GLY A 227 19.38 21.89 24.92
N GLY A 228 19.26 23.16 25.33
CA GLY A 228 17.99 23.86 25.21
C GLY A 228 17.59 24.10 23.76
N TYR A 229 18.57 24.37 22.89
CA TYR A 229 18.22 24.62 21.49
C TYR A 229 17.84 23.33 20.78
N GLN A 230 18.50 22.22 21.12
CA GLN A 230 18.12 20.94 20.55
C GLN A 230 16.69 20.57 20.91
N VAL A 231 16.29 20.87 22.15
CA VAL A 231 14.90 20.65 22.56
C VAL A 231 13.94 21.49 21.72
N LEU A 232 14.30 22.75 21.48
CA LEU A 232 13.47 23.61 20.65
C LEU A 232 13.39 23.09 19.22
N CYS A 233 14.51 22.60 18.68
CA CYS A 233 14.50 22.05 17.33
C CYS A 233 13.57 20.83 17.27
N ASP A 234 13.62 19.97 18.28
CA ASP A 234 12.71 18.83 18.33
C ASP A 234 11.27 19.30 18.40
N ARG A 235 10.99 20.28 19.24
CA ARG A 235 9.62 20.72 19.39
C ARG A 235 9.13 21.43 18.14
N ALA A 236 10.04 22.05 17.38
CA ALA A 236 9.65 22.79 16.18
C ALA A 236 9.10 21.88 15.09
N VAL A 237 9.46 20.60 15.08
CA VAL A 237 8.92 19.68 14.08
C VAL A 237 7.69 18.92 14.57
N MET A 238 7.27 19.14 15.83
CA MET A 238 6.09 18.51 16.38
C MET A 238 4.86 19.34 16.07
N SER A 239 3.70 18.68 16.07
CA SER A 239 2.42 19.35 15.87
C SER A 239 1.84 19.70 17.23
N PHE A 240 1.80 20.99 17.54
CA PHE A 240 1.25 21.50 18.80
C PHE A 240 1.80 20.72 20.00
N GLY A 241 3.12 20.54 20.01
CA GLY A 241 3.76 19.95 21.15
C GLY A 241 3.59 18.45 21.30
N SER A 242 3.14 17.76 20.27
CA SER A 242 2.93 16.32 20.35
C SER A 242 4.11 15.58 19.72
N GLU A 243 4.77 14.73 20.50
CA GLU A 243 5.86 13.90 19.99
C GLU A 243 5.36 12.81 19.07
N GLU A 244 4.07 12.51 19.09
CA GLU A 244 3.54 11.44 18.26
C GLU A 244 2.96 11.93 16.93
N SER A 245 2.98 13.24 16.66
CA SER A 245 2.55 13.78 15.38
C SER A 245 3.56 14.82 14.92
N LEU A 246 4.36 14.47 13.91
CA LEU A 246 5.39 15.35 13.39
C LEU A 246 4.98 15.88 12.01
N ILE A 247 5.55 17.01 11.64
CA ILE A 247 5.29 17.60 10.33
C ILE A 247 6.54 17.36 9.48
N THR A 248 6.42 16.45 8.53
CA THR A 248 7.55 15.91 7.82
C THR A 248 7.35 16.07 6.32
N ASN A 249 8.47 16.01 5.60
CA ASN A 249 8.51 16.03 4.15
C ASN A 249 8.71 14.63 3.60
N ALA A 250 8.20 14.41 2.38
CA ALA A 250 8.40 13.14 1.69
C ALA A 250 8.52 13.35 0.19
N TYR A 251 9.38 12.56 -0.43
CA TYR A 251 9.36 12.35 -1.88
C TYR A 251 8.17 11.46 -2.25
N LEU A 252 7.45 11.83 -3.31
CA LEU A 252 6.42 10.97 -3.89
C LEU A 252 6.85 10.58 -5.28
N LYS A 253 6.91 9.27 -5.54
CA LYS A 253 7.12 8.72 -6.87
C LYS A 253 5.81 8.15 -7.41
N VAL A 254 5.42 8.58 -8.60
CA VAL A 254 4.22 8.07 -9.25
C VAL A 254 4.67 7.08 -10.32
N ASN A 255 4.40 5.81 -10.09
CA ASN A 255 4.78 4.67 -10.92
C ASN A 255 3.64 4.25 -11.82
N ASP A 256 3.99 3.50 -12.88
CA ASP A 256 3.04 2.72 -13.69
C ASP A 256 2.07 3.64 -14.43
N LEU A 257 2.58 4.72 -15.01
CA LEU A 257 1.71 5.66 -15.72
C LEU A 257 1.04 5.01 -16.92
N ALA A 258 1.81 4.34 -17.78
CA ALA A 258 1.26 3.79 -19.02
C ALA A 258 0.18 2.75 -18.78
N SER A 259 0.15 2.11 -17.62
CA SER A 259 -0.84 1.09 -17.34
C SER A 259 -2.23 1.64 -17.06
N GLY A 260 -2.37 2.94 -16.85
CA GLY A 260 -3.64 3.50 -16.42
C GLY A 260 -4.02 3.22 -14.98
N LYS A 261 -3.14 2.59 -14.20
CA LYS A 261 -3.36 2.36 -12.77
C LYS A 261 -2.09 2.78 -12.04
N PRO A 262 -1.89 4.08 -11.85
CA PRO A 262 -0.67 4.55 -11.21
C PRO A 262 -0.58 4.16 -9.75
N VAL A 263 0.64 3.96 -9.29
CA VAL A 263 0.94 3.62 -7.90
C VAL A 263 1.90 4.68 -7.36
N ILE A 264 1.61 5.20 -6.18
CA ILE A 264 2.40 6.25 -5.55
C ILE A 264 3.15 5.67 -4.36
N ILE A 265 4.46 5.86 -4.33
CA ILE A 265 5.32 5.41 -3.24
C ILE A 265 5.93 6.64 -2.58
N GLY A 266 5.83 6.73 -1.26
CA GLY A 266 6.30 7.88 -0.51
C GLY A 266 7.43 7.51 0.42
N GLN A 267 8.38 8.43 0.58
CA GLN A 267 9.58 8.22 1.37
C GLN A 267 9.89 9.50 2.14
N THR A 268 9.98 9.38 3.47
CA THR A 268 9.96 10.52 4.37
C THR A 268 11.38 10.90 4.79
N PHE A 269 11.65 12.20 4.78
CA PHE A 269 12.87 12.71 5.39
C PHE A 269 12.76 12.63 6.90
N PRO A 270 13.69 11.99 7.59
CA PRO A 270 13.65 11.99 9.07
C PRO A 270 13.93 13.37 9.62
N PRO A 271 13.46 13.67 10.83
CA PRO A 271 13.73 15.01 11.41
C PRO A 271 15.21 15.32 11.55
N SER A 272 16.06 14.32 11.70
CA SER A 272 17.50 14.54 11.72
C SER A 272 18.04 15.05 10.39
N ASP A 273 17.22 15.04 9.32
CA ASP A 273 17.66 15.49 8.01
C ASP A 273 16.74 16.57 7.44
N SER A 274 15.92 17.20 8.28
CA SER A 274 15.01 18.19 7.73
C SER A 274 14.52 19.10 8.84
N TYR A 275 14.17 20.33 8.46
CA TYR A 275 13.40 21.18 9.35
C TYR A 275 11.93 20.82 9.19
N LYS A 276 11.05 21.57 9.84
CA LYS A 276 9.62 21.30 9.77
C LYS A 276 9.16 21.17 8.32
N GLY A 277 8.30 20.20 8.06
CA GLY A 277 7.79 19.96 6.72
C GLY A 277 7.20 21.21 6.09
N SER A 278 7.27 21.32 4.77
CA SER A 278 6.84 22.56 4.12
C SER A 278 6.60 22.30 2.64
N ASN A 279 6.08 23.32 1.96
CA ASN A 279 5.92 23.26 0.50
C ASN A 279 7.27 23.15 -0.18
N GLY A 280 7.39 22.16 -1.06
CA GLY A 280 8.62 21.93 -1.80
C GLY A 280 8.45 21.86 -3.32
N ARG A 281 9.55 21.53 -4.01
CA ARG A 281 9.54 21.46 -5.46
C ARG A 281 10.59 20.48 -5.93
N MET A 282 10.23 19.67 -6.93
CA MET A 282 11.18 18.78 -7.59
C MET A 282 11.76 19.45 -8.83
N TYR A 283 13.04 19.17 -9.11
CA TYR A 283 13.75 19.69 -10.26
C TYR A 283 14.44 18.56 -11.00
N THR A 284 14.58 18.74 -12.30
CA THR A 284 15.52 18.01 -13.13
C THR A 284 16.77 18.86 -13.30
N ILE A 285 17.93 18.30 -12.98
CA ILE A 285 19.19 19.03 -13.06
C ILE A 285 20.16 18.16 -13.87
N GLY A 286 20.14 18.32 -15.18
CA GLY A 286 20.96 17.48 -16.04
C GLY A 286 20.54 16.03 -15.89
N ASP A 287 21.50 15.20 -15.45
CA ASP A 287 21.28 13.79 -15.21
C ASP A 287 20.95 13.49 -13.75
N LYS A 288 20.71 14.52 -12.95
CA LYS A 288 20.39 14.37 -11.54
C LYS A 288 19.11 15.15 -11.24
N TYR A 289 18.81 15.38 -9.97
CA TYR A 289 17.55 15.97 -9.58
C TYR A 289 17.78 16.90 -8.39
N GLY A 290 16.82 17.78 -8.16
CA GLY A 290 16.92 18.74 -7.07
C GLY A 290 15.62 18.84 -6.31
N LEU A 291 15.73 19.38 -5.10
CA LEU A 291 14.61 19.58 -4.20
C LEU A 291 14.77 20.92 -3.50
N TYR A 292 13.76 21.76 -3.61
CA TYR A 292 13.68 22.97 -2.79
C TYR A 292 12.64 22.75 -1.70
N LEU A 293 12.96 23.19 -0.50
CA LEU A 293 12.02 23.15 0.63
C LEU A 293 11.90 24.55 1.21
N ALA A 294 10.71 25.12 1.12
CA ALA A 294 10.49 26.45 1.66
C ALA A 294 10.59 26.42 3.19
N PRO A 295 11.11 27.49 3.78
CA PRO A 295 11.12 27.56 5.25
C PRO A 295 9.70 27.61 5.78
N SER A 296 9.39 26.71 6.71
CA SER A 296 8.14 26.78 7.45
C SER A 296 8.35 27.09 8.92
N SER A 297 9.60 27.22 9.35
CA SER A 297 9.92 27.25 10.78
C SER A 297 11.01 28.26 11.09
N TRP A 298 11.89 27.94 12.04
CA TRP A 298 12.90 28.88 12.52
C TRP A 298 14.11 28.99 11.60
N ASN A 299 14.38 28.00 10.75
CA ASN A 299 15.54 28.05 9.87
C ASN A 299 15.11 28.62 8.52
N ARG A 300 15.50 29.86 8.26
CA ARG A 300 15.02 30.62 7.11
C ARG A 300 16.02 30.65 5.96
N TYR A 301 17.15 29.98 6.08
CA TYR A 301 18.10 29.91 4.98
C TYR A 301 17.56 29.03 3.86
N LEU A 302 18.16 29.19 2.67
CA LEU A 302 17.86 28.30 1.55
C LEU A 302 18.05 26.85 1.93
N ARG A 303 17.05 26.03 1.62
CA ARG A 303 17.12 24.58 1.84
C ARG A 303 16.93 23.92 0.48
N PHE A 304 18.02 23.42 -0.09
CA PHE A 304 17.99 22.92 -1.46
C PHE A 304 18.91 21.71 -1.56
N GLY A 305 18.38 20.60 -2.04
CA GLY A 305 19.13 19.37 -2.11
C GLY A 305 19.31 18.89 -3.54
N ILE A 306 20.42 18.22 -3.79
CA ILE A 306 20.69 17.57 -5.06
C ILE A 306 20.78 16.07 -4.82
N THR A 307 20.13 15.28 -5.69
CA THR A 307 20.17 13.83 -5.51
C THR A 307 20.26 13.15 -6.88
N PRO A 308 21.07 12.09 -6.98
CA PRO A 308 21.18 11.39 -8.27
C PRO A 308 20.04 10.43 -8.55
N ASP A 309 19.30 9.98 -7.53
CA ASP A 309 18.26 8.99 -7.78
C ASP A 309 16.97 9.27 -7.01
N ILE A 310 16.81 10.47 -6.45
CA ILE A 310 15.63 10.89 -5.72
C ILE A 310 15.40 9.94 -4.55
N SER A 311 16.27 10.01 -3.56
CA SER A 311 16.15 9.22 -2.36
C SER A 311 16.68 10.08 -1.22
N VAL A 312 16.14 9.89 -0.01
CA VAL A 312 16.60 10.69 1.11
C VAL A 312 18.09 10.49 1.33
N ARG A 313 18.56 9.24 1.30
CA ARG A 313 19.97 8.93 1.57
C ARG A 313 20.94 9.69 0.67
N SER A 314 20.54 9.96 -0.56
CA SER A 314 21.41 10.54 -1.57
C SER A 314 21.13 12.02 -1.81
N THR A 315 20.42 12.68 -0.91
CA THR A 315 20.10 14.10 -1.07
C THR A 315 21.15 14.91 -0.31
N THR A 316 21.96 15.67 -1.05
CA THR A 316 23.00 16.52 -0.49
C THR A 316 22.51 17.96 -0.51
N TRP A 317 22.70 18.68 0.60
CA TRP A 317 22.18 20.03 0.71
C TRP A 317 23.22 21.08 0.32
N LEU A 318 22.79 22.10 -0.43
CA LEU A 318 23.66 23.20 -0.78
C LEU A 318 24.04 23.97 0.48
N LYS A 319 25.27 24.47 0.52
CA LYS A 319 25.71 25.23 1.67
C LYS A 319 25.35 26.70 1.57
N SER A 320 25.02 27.18 0.37
CA SER A 320 24.67 28.58 0.18
C SER A 320 23.40 28.93 0.96
N GLN A 321 23.36 30.17 1.47
CA GLN A 321 22.26 30.62 2.31
C GLN A 321 21.16 31.35 1.55
N ASP A 322 21.46 31.91 0.37
CA ASP A 322 20.51 32.82 -0.26
C ASP A 322 19.57 32.07 -1.20
N PRO A 323 18.30 32.47 -1.26
CA PRO A 323 17.71 33.59 -0.52
C PRO A 323 17.36 33.24 0.91
N ILE A 324 17.45 34.21 1.79
CA ILE A 324 16.97 34.06 3.15
C ILE A 324 15.54 34.59 3.21
N MET A 325 14.64 33.78 3.76
CA MET A 325 13.25 34.19 3.86
CA MET A 325 13.25 34.19 3.87
C MET A 325 13.12 35.23 4.97
N LYS A 326 12.70 36.45 4.59
CA LYS A 326 12.59 37.56 5.52
C LYS A 326 11.17 38.06 5.71
N ILE A 327 10.21 37.56 4.95
CA ILE A 327 8.82 37.97 5.09
C ILE A 327 8.01 36.77 5.60
N LEU A 328 6.79 37.06 6.06
CA LEU A 328 5.80 36.05 6.40
C LEU A 328 6.31 35.09 7.48
N SER A 329 6.92 35.64 8.53
CA SER A 329 7.45 34.81 9.60
C SER A 329 7.18 35.44 10.95
N THR A 330 6.76 34.62 11.90
CA THR A 330 6.69 35.07 13.29
C THR A 330 8.02 34.93 14.01
N CYS A 331 9.06 34.44 13.34
CA CYS A 331 10.35 34.28 13.99
C CYS A 331 10.95 35.65 14.31
N THR A 332 11.75 35.69 15.36
CA THR A 332 12.47 36.91 15.70
C THR A 332 13.96 36.69 15.73
N ASN A 333 14.45 35.56 15.23
CA ASN A 333 15.89 35.32 15.20
C ASN A 333 16.52 36.17 14.09
N THR A 334 17.85 36.19 14.08
CA THR A 334 18.61 37.02 13.17
C THR A 334 19.00 36.25 11.92
N ASP A 335 19.16 36.98 10.81
CA ASP A 335 19.64 36.34 9.59
C ASP A 335 21.06 35.83 9.78
N ARG A 336 21.83 36.45 10.67
CA ARG A 336 23.21 36.04 10.84
C ARG A 336 23.32 34.71 11.59
N ASP A 337 22.58 34.55 12.67
CA ASP A 337 22.77 33.39 13.53
C ASP A 337 21.61 32.42 13.55
N MET A 338 20.40 32.87 13.21
CA MET A 338 19.27 31.98 12.96
C MET A 338 19.01 31.04 14.14
N CYS A 339 18.93 31.61 15.34
CA CYS A 339 18.83 30.75 16.52
C CYS A 339 17.46 30.07 16.58
N PRO A 340 17.42 28.77 16.91
CA PRO A 340 16.14 28.06 16.94
C PRO A 340 15.15 28.65 17.92
N GLU A 341 13.88 28.51 17.58
CA GLU A 341 12.76 28.99 18.38
C GLU A 341 11.49 28.41 17.78
N ILE A 342 10.39 28.55 18.52
CA ILE A 342 9.09 28.07 18.07
C ILE A 342 8.44 29.21 17.28
N CYS A 343 8.42 29.10 15.96
CA CYS A 343 7.82 30.13 15.14
C CYS A 343 7.38 29.51 13.81
N ASN A 344 6.59 30.28 13.06
CA ASN A 344 6.05 29.82 11.79
C ASN A 344 6.49 30.75 10.66
N THR A 345 6.85 30.15 9.53
CA THR A 345 7.19 30.89 8.33
C THR A 345 6.35 30.35 7.19
N ARG A 346 5.80 31.24 6.33
CA ARG A 346 4.80 30.81 5.35
C ARG A 346 5.11 31.29 3.93
N GLY A 347 6.33 31.74 3.66
CA GLY A 347 6.68 32.21 2.34
C GLY A 347 7.11 31.08 1.42
N TYR A 348 7.50 31.49 0.22
CA TYR A 348 7.99 30.56 -0.80
C TYR A 348 8.84 31.35 -1.78
N GLN A 349 10.11 31.02 -1.89
CA GLN A 349 11.01 31.72 -2.82
C GLN A 349 12.02 30.70 -3.29
N ASP A 350 11.72 30.01 -4.40
CA ASP A 350 12.61 28.95 -4.83
C ASP A 350 13.73 29.51 -5.71
N ILE A 351 14.58 28.63 -6.21
CA ILE A 351 15.70 29.00 -7.05
C ILE A 351 15.58 28.22 -8.35
N PHE A 352 16.41 28.58 -9.33
CA PHE A 352 16.55 27.74 -10.52
C PHE A 352 18.03 27.53 -10.81
N PRO A 353 18.51 26.29 -10.82
CA PRO A 353 19.93 26.06 -11.04
C PRO A 353 20.35 26.48 -12.44
N LEU A 354 21.53 27.10 -12.52
CA LEU A 354 22.15 27.52 -13.77
C LEU A 354 23.42 26.73 -14.07
N SER A 355 23.71 25.70 -13.27
CA SER A 355 24.83 24.82 -13.51
C SER A 355 24.48 23.44 -12.97
N GLU A 356 25.29 22.45 -13.37
CA GLU A 356 24.98 21.06 -13.01
C GLU A 356 25.06 20.81 -11.51
N ASP A 357 25.93 21.52 -10.80
CA ASP A 357 26.01 21.37 -9.36
C ASP A 357 25.16 22.39 -8.62
N SER A 358 24.40 23.21 -9.34
CA SER A 358 23.59 24.29 -8.79
C SER A 358 24.42 25.24 -7.92
N GLU A 359 25.71 25.35 -8.19
CA GLU A 359 26.50 26.39 -7.53
C GLU A 359 26.24 27.76 -8.13
N TYR A 360 25.80 27.81 -9.39
CA TYR A 360 25.20 29.00 -9.98
C TYR A 360 23.69 28.81 -10.01
N TYR A 361 22.95 29.81 -9.57
CA TYR A 361 21.49 29.74 -9.63
C TYR A 361 20.93 31.14 -9.55
N THR A 362 19.70 31.27 -10.03
CA THR A 362 18.98 32.52 -10.00
C THR A 362 17.83 32.42 -9.01
N TYR A 363 17.43 33.55 -8.47
CA TYR A 363 16.36 33.59 -7.48
C TYR A 363 15.86 35.00 -7.34
N ILE A 364 14.78 35.15 -6.59
CA ILE A 364 14.21 36.45 -6.27
C ILE A 364 14.28 36.64 -4.76
N GLY A 365 14.72 37.82 -4.33
CA GLY A 365 14.76 38.18 -2.92
C GLY A 365 13.67 39.19 -2.60
N ILE A 366 13.16 39.14 -1.38
CA ILE A 366 12.05 39.97 -0.93
C ILE A 366 12.34 40.44 0.48
N THR A 367 12.29 41.74 0.71
CA THR A 367 12.51 42.26 2.04
C THR A 367 11.30 43.10 2.46
N PRO A 368 10.94 43.07 3.73
CA PRO A 368 9.80 43.88 4.18
C PRO A 368 10.11 45.36 4.12
N ASN A 369 9.09 46.13 3.82
CA ASN A 369 9.16 47.58 3.77
C ASN A 369 7.82 48.02 4.34
N ASN A 370 7.70 47.89 5.66
CA ASN A 370 6.44 48.07 6.39
C ASN A 370 5.41 47.11 5.82
N GLY A 371 4.27 47.56 5.34
CA GLY A 371 3.28 46.65 4.79
C GLY A 371 3.65 46.10 3.43
N GLY A 372 4.47 46.84 2.69
CA GLY A 372 4.93 46.41 1.38
C GLY A 372 6.25 45.68 1.42
N THR A 373 6.82 45.49 0.23
CA THR A 373 8.09 44.79 0.10
C THR A 373 8.98 45.54 -0.87
N LYS A 374 10.28 45.31 -0.74
CA LYS A 374 11.25 45.61 -1.78
C LYS A 374 11.80 44.31 -2.33
N ASN A 375 12.00 44.25 -3.64
CA ASN A 375 12.27 42.98 -4.30
C ASN A 375 13.47 43.10 -5.20
N PHE A 376 14.15 41.98 -5.42
CA PHE A 376 15.21 41.97 -6.42
C PHE A 376 15.30 40.59 -7.07
N VAL A 377 15.80 40.58 -8.29
CA VAL A 377 16.16 39.34 -8.98
C VAL A 377 17.67 39.20 -8.87
N ALA A 378 18.16 37.97 -8.77
CA ALA A 378 19.57 37.79 -8.49
C ALA A 378 20.10 36.55 -9.17
N VAL A 379 21.41 36.54 -9.37
CA VAL A 379 22.16 35.33 -9.72
C VAL A 379 23.26 35.17 -8.68
N ARG A 380 23.37 33.97 -8.13
CA ARG A 380 24.45 33.62 -7.23
C ARG A 380 25.48 32.82 -8.02
N ASP A 381 26.72 33.31 -8.03
CA ASP A 381 27.83 32.63 -8.70
C ASP A 381 28.44 31.60 -7.77
N SER A 382 29.18 30.66 -8.36
CA SER A 382 29.77 29.58 -7.58
C SER A 382 30.76 30.08 -6.53
N ASP A 383 31.31 31.29 -6.70
CA ASP A 383 32.21 31.86 -5.71
C ASP A 383 31.49 32.65 -4.63
N GLY A 384 30.16 32.64 -4.63
CA GLY A 384 29.40 33.33 -3.62
C GLY A 384 28.98 34.73 -3.98
N HIS A 385 29.46 35.25 -5.11
CA HIS A 385 29.07 36.58 -5.54
C HIS A 385 27.59 36.62 -5.90
N ILE A 386 26.92 37.70 -5.49
CA ILE A 386 25.51 37.93 -5.78
C ILE A 386 25.41 39.12 -6.72
N ALA A 387 24.80 38.92 -7.88
CA ALA A 387 24.46 40.01 -8.80
C ALA A 387 22.96 40.23 -8.73
N SER A 388 22.53 41.36 -8.20
CA SER A 388 21.12 41.60 -7.96
C SER A 388 20.67 42.89 -8.64
N ILE A 389 19.38 42.93 -8.99
CA ILE A 389 18.75 44.07 -9.63
C ILE A 389 17.39 44.28 -8.97
N ASP A 390 17.08 45.50 -8.54
CA ASP A 390 15.77 45.76 -7.97
C ASP A 390 14.67 45.57 -9.01
N ILE A 391 13.57 44.96 -8.59
CA ILE A 391 12.47 44.63 -9.50
C ILE A 391 11.12 44.96 -8.88
N LEU A 392 10.11 45.06 -9.76
CA LEU A 392 8.71 45.16 -9.37
C LEU A 392 8.45 46.33 -8.42
N GLN A 393 9.19 47.43 -8.65
CA GLN A 393 9.02 48.62 -7.83
C GLN A 393 7.62 49.24 -7.96
N ASN A 394 6.92 48.99 -9.05
CA ASN A 394 5.56 49.48 -9.20
C ASN A 394 4.52 48.64 -8.47
N TYR A 395 4.95 47.60 -7.74
CA TYR A 395 4.06 46.76 -6.96
C TYR A 395 4.17 47.11 -5.49
N TYR A 396 3.03 47.20 -4.80
CA TYR A 396 3.05 47.44 -3.37
C TYR A 396 3.75 46.31 -2.63
N SER A 397 3.38 45.07 -2.93
CA SER A 397 4.01 43.94 -2.24
C SER A 397 4.06 42.73 -3.16
N ILE A 398 5.17 41.99 -3.06
CA ILE A 398 5.36 40.68 -3.66
C ILE A 398 5.67 39.70 -2.53
N THR A 399 4.97 38.58 -2.47
CA THR A 399 5.14 37.69 -1.32
C THR A 399 5.62 36.28 -1.66
N SER A 400 5.82 35.96 -2.93
CA SER A 400 6.32 34.63 -3.26
C SER A 400 6.97 34.69 -4.64
N ALA A 401 7.78 33.69 -4.93
CA ALA A 401 8.39 33.56 -6.24
C ALA A 401 8.71 32.10 -6.54
N THR A 402 8.35 31.65 -7.75
CA THR A 402 8.82 30.39 -8.30
C THR A 402 9.34 30.67 -9.71
N ILE A 403 10.49 30.09 -10.05
CA ILE A 403 11.24 30.46 -11.25
C ILE A 403 11.57 29.21 -12.05
N SER A 404 11.35 29.27 -13.38
CA SER A 404 11.77 28.22 -14.30
C SER A 404 12.49 28.84 -15.48
N CYS A 405 13.64 28.26 -15.85
CA CYS A 405 14.43 28.77 -16.95
C CYS A 405 14.59 27.72 -18.04
N PHE A 406 14.98 28.19 -19.22
CA PHE A 406 14.92 27.41 -20.45
C PHE A 406 15.75 28.16 -21.50
N MET A 407 15.95 27.52 -22.65
CA MET A 407 16.59 28.18 -23.78
C MET A 407 15.54 28.87 -24.63
N TYR A 408 15.84 30.08 -25.08
CA TYR A 408 14.89 30.85 -25.88
C TYR A 408 15.67 31.85 -26.70
N LYS A 409 15.54 31.78 -28.02
CA LYS A 409 16.28 32.64 -28.94
C LYS A 409 17.77 32.64 -28.60
N ASP A 410 18.31 31.44 -28.43
CA ASP A 410 19.74 31.16 -28.26
C ASP A 410 20.32 31.64 -26.93
N GLU A 411 19.48 31.96 -25.95
CA GLU A 411 19.97 32.38 -24.64
C GLU A 411 19.15 31.71 -23.54
N ILE A 412 19.69 31.75 -22.32
CA ILE A 412 18.95 31.29 -21.15
C ILE A 412 17.95 32.39 -20.77
N TRP A 413 16.68 32.03 -20.74
CA TRP A 413 15.63 32.88 -20.25
C TRP A 413 14.91 32.22 -19.09
N CYS A 414 14.33 33.03 -18.22
CA CYS A 414 13.59 32.56 -17.07
C CYS A 414 12.24 33.23 -17.02
N ILE A 415 11.25 32.53 -16.47
CA ILE A 415 9.95 33.10 -16.16
C ILE A 415 9.74 32.97 -14.66
N ALA A 416 9.33 34.07 -14.03
CA ALA A 416 9.11 34.14 -12.60
C ALA A 416 7.63 34.38 -12.32
N ILE A 417 7.04 33.53 -11.48
CA ILE A 417 5.65 33.64 -11.05
C ILE A 417 5.63 34.15 -9.63
N THR A 418 4.94 35.27 -9.40
CA THR A 418 4.96 35.95 -8.11
C THR A 418 3.56 36.33 -7.66
N GLU A 419 3.19 35.97 -6.44
CA GLU A 419 2.01 36.51 -5.79
C GLU A 419 2.29 37.92 -5.31
N GLY A 420 1.26 38.76 -5.35
CA GLY A 420 1.45 40.08 -4.79
C GLY A 420 0.22 40.95 -4.93
N LYS A 421 0.38 42.19 -4.47
CA LYS A 421 -0.66 43.21 -4.56
C LYS A 421 -0.09 44.39 -5.31
N LYS A 422 -0.69 44.71 -6.47
CA LYS A 422 -0.21 45.82 -7.28
C LYS A 422 -0.30 47.12 -6.50
N GLN A 423 -1.46 47.39 -5.91
CA GLN A 423 -1.66 48.53 -5.02
C GLN A 423 -2.13 48.01 -3.66
N LYS A 424 -1.91 48.85 -2.63
CA LYS A 424 -2.07 48.39 -1.24
C LYS A 424 -3.45 47.82 -0.97
N ASP A 425 -4.48 48.39 -1.58
CA ASP A 425 -5.84 47.95 -1.29
C ASP A 425 -6.32 46.85 -2.22
N ASN A 426 -5.51 46.42 -3.17
CA ASN A 426 -5.94 45.40 -4.11
C ASN A 426 -5.96 44.02 -3.44
N PRO A 427 -6.82 43.12 -3.92
CA PRO A 427 -6.69 41.72 -3.51
C PRO A 427 -5.45 41.11 -4.12
N GLN A 428 -4.97 40.05 -3.49
CA GLN A 428 -3.77 39.39 -3.96
C GLN A 428 -4.02 38.71 -5.30
N ARG A 429 -3.08 38.88 -6.21
CA ARG A 429 -3.12 38.25 -7.52
C ARG A 429 -1.77 37.62 -7.83
N ILE A 430 -1.72 36.91 -8.95
CA ILE A 430 -0.55 36.17 -9.40
C ILE A 430 -0.05 36.77 -10.70
N TYR A 431 1.24 37.08 -10.75
CA TYR A 431 1.83 37.79 -11.87
C TYR A 431 3.01 37.01 -12.44
N ALA A 432 3.24 37.17 -13.75
CA ALA A 432 4.30 36.48 -14.46
C ALA A 432 5.19 37.48 -15.17
N HIS A 433 6.50 37.28 -15.09
CA HIS A 433 7.46 38.13 -15.77
C HIS A 433 8.57 37.25 -16.32
N SER A 434 9.34 37.80 -17.26
CA SER A 434 10.47 37.10 -17.85
C SER A 434 11.74 37.93 -17.75
N TYR A 435 12.87 37.24 -17.77
CA TYR A 435 14.17 37.90 -17.84
C TYR A 435 15.17 36.90 -18.39
N LYS A 436 16.28 37.43 -18.90
CA LYS A 436 17.34 36.59 -19.43
C LYS A 436 18.47 36.46 -18.42
N ILE A 437 19.33 35.48 -18.66
CA ILE A 437 20.55 35.28 -17.88
C ILE A 437 21.71 35.66 -18.76
N ARG A 438 22.52 36.63 -18.32
CA ARG A 438 23.67 37.09 -19.08
C ARG A 438 24.92 36.35 -18.62
N GLN A 439 25.75 35.95 -19.57
CA GLN A 439 27.00 35.25 -19.30
C GLN A 439 28.16 36.16 -19.65
N MET A 440 29.07 36.37 -18.71
CA MET A 440 30.12 37.36 -18.88
C MET A 440 31.43 36.86 -18.27
N CYS A 441 32.52 37.50 -18.70
CA CYS A 441 33.87 37.22 -18.19
C CYS A 441 34.50 38.54 -17.78
N TYR A 442 34.96 38.62 -16.54
CA TYR A 442 35.58 39.83 -16.01
C TYR A 442 37.10 39.78 -16.12
N THR B 13 9.87 -31.46 20.92
CA THR B 13 9.41 -32.84 20.78
C THR B 13 9.04 -33.17 19.33
N ILE B 14 8.42 -32.23 18.63
CA ILE B 14 8.18 -32.39 17.20
C ILE B 14 9.12 -31.48 16.43
N LYS B 15 9.27 -31.79 15.15
CA LYS B 15 10.09 -31.01 14.23
C LYS B 15 9.43 -31.07 12.86
N PRO B 16 9.87 -30.22 11.93
CA PRO B 16 9.24 -30.23 10.59
C PRO B 16 9.36 -31.59 9.93
N ILE B 17 8.41 -31.87 9.03
CA ILE B 17 8.34 -33.17 8.39
C ILE B 17 9.59 -33.40 7.54
N GLU B 18 10.05 -34.65 7.53
CA GLU B 18 11.18 -35.09 6.72
C GLU B 18 10.65 -36.09 5.70
N TYR B 19 10.65 -35.73 4.42
CA TYR B 19 10.02 -36.58 3.42
C TYR B 19 10.78 -37.90 3.29
N PRO B 20 10.07 -39.02 3.20
CA PRO B 20 10.73 -40.33 3.29
C PRO B 20 11.56 -40.66 2.07
N LYS B 21 12.46 -41.62 2.25
CA LYS B 21 13.28 -42.21 1.22
C LYS B 21 12.86 -43.65 0.98
N PRO B 22 12.67 -44.07 -0.27
CA PRO B 22 12.40 -45.49 -0.55
C PRO B 22 13.54 -46.41 -0.12
N GLY B 24 15.40 -48.86 0.60
CA GLY B 24 15.59 -49.07 -0.82
C GLY B 24 14.52 -49.91 -1.48
N CYS B 25 13.27 -49.43 -1.45
CA CYS B 25 12.17 -50.08 -2.14
C CYS B 25 12.36 -49.91 -3.65
N ASN B 26 13.35 -50.63 -4.19
CA ASN B 26 13.95 -50.27 -5.46
C ASN B 26 13.86 -51.33 -6.55
N ARG B 27 13.41 -52.54 -6.22
CA ARG B 27 13.44 -53.65 -7.15
C ARG B 27 12.32 -53.52 -8.18
N THR B 28 12.41 -54.35 -9.22
CA THR B 28 11.34 -54.46 -10.20
C THR B 28 10.06 -54.93 -9.51
N GLY B 29 8.97 -54.22 -9.74
CA GLY B 29 7.71 -54.53 -9.09
C GLY B 29 7.53 -53.89 -7.73
N ASP B 30 8.59 -53.37 -7.12
CA ASP B 30 8.49 -52.71 -5.82
C ASP B 30 7.73 -51.40 -5.94
N HIS B 31 6.85 -51.14 -4.98
CA HIS B 31 6.08 -49.90 -4.94
C HIS B 31 6.19 -49.34 -3.53
N PHE B 32 6.80 -48.18 -3.40
CA PHE B 32 6.84 -47.49 -2.12
C PHE B 32 5.49 -46.82 -1.90
N THR B 33 4.79 -47.24 -0.85
CA THR B 33 3.48 -46.67 -0.52
C THR B 33 3.52 -46.07 0.87
N MET B 34 2.53 -45.23 1.15
CA MET B 34 2.30 -44.70 2.48
C MET B 34 0.82 -44.86 2.80
N GLU B 35 0.53 -45.01 4.08
CA GLU B 35 -0.84 -45.25 4.54
C GLU B 35 -1.08 -44.55 5.86
N PRO B 36 -2.32 -44.18 6.16
CA PRO B 36 -2.63 -43.68 7.49
C PRO B 36 -2.48 -44.81 8.49
N GLY B 37 -2.11 -44.45 9.71
CA GLY B 37 -2.10 -45.41 10.79
C GLY B 37 -3.49 -45.98 11.03
N ALA B 38 -3.51 -47.11 11.73
CA ALA B 38 -4.77 -47.82 11.94
C ALA B 38 -5.74 -47.02 12.81
N ASN B 39 -5.22 -46.29 13.79
CA ASN B 39 -6.08 -45.59 14.73
C ASN B 39 -6.04 -44.08 14.54
N PHE B 40 -7.05 -43.42 15.11
CA PHE B 40 -7.30 -41.98 14.95
C PHE B 40 -7.49 -41.43 16.36
N TYR B 41 -6.40 -41.00 17.00
CA TYR B 41 -6.43 -40.66 18.43
C TYR B 41 -6.89 -39.23 18.68
N THR B 42 -7.59 -39.01 19.79
CA THR B 42 -7.99 -37.67 20.16
C THR B 42 -6.79 -36.80 20.52
N VAL B 43 -6.94 -35.50 20.29
CA VAL B 43 -6.00 -34.50 20.79
C VAL B 43 -6.85 -33.51 21.59
N PRO B 44 -7.17 -33.83 22.84
CA PRO B 44 -8.10 -32.99 23.58
C PRO B 44 -7.50 -31.63 23.95
N ASN B 45 -8.39 -30.66 24.13
CA ASN B 45 -8.06 -29.34 24.64
C ASN B 45 -6.96 -28.68 23.81
N LEU B 46 -6.97 -28.93 22.50
CA LEU B 46 -6.11 -28.15 21.61
C LEU B 46 -6.50 -26.68 21.66
N GLY B 47 -7.79 -26.41 21.71
CA GLY B 47 -8.31 -25.11 22.04
C GLY B 47 -9.53 -25.26 22.92
N PRO B 48 -9.93 -24.21 23.62
CA PRO B 48 -11.06 -24.31 24.55
C PRO B 48 -12.40 -24.32 23.83
N ALA B 49 -13.44 -24.70 24.57
CA ALA B 49 -14.79 -24.80 24.03
C ALA B 49 -15.81 -24.72 25.15
N SER B 50 -16.86 -23.94 24.91
CA SER B 50 -17.98 -23.81 25.81
C SER B 50 -19.03 -24.89 25.54
N SER B 51 -19.83 -25.18 26.55
CA SER B 51 -20.95 -26.11 26.38
C SER B 51 -22.25 -25.42 25.96
N ASN B 52 -22.24 -24.10 25.79
CA ASN B 52 -23.43 -23.36 25.39
C ASN B 52 -23.95 -23.85 24.03
N SER B 53 -25.10 -24.53 24.03
CA SER B 53 -25.61 -25.14 22.81
C SER B 53 -26.09 -24.13 21.78
N ASP B 54 -26.17 -22.84 22.15
CA ASP B 54 -26.57 -21.78 21.24
C ASP B 54 -25.38 -21.10 20.59
N GLU B 55 -24.19 -21.64 20.79
CA GLU B 55 -22.99 -21.12 20.18
C GLU B 55 -22.45 -22.14 19.19
N CYS B 56 -22.04 -21.65 18.03
CA CYS B 56 -21.42 -22.49 17.02
C CYS B 56 -19.93 -22.15 16.94
N TYR B 57 -19.09 -23.17 17.06
CA TYR B 57 -17.65 -23.04 16.86
C TYR B 57 -17.35 -23.42 15.42
N THR B 58 -16.66 -22.54 14.68
CA THR B 58 -16.53 -22.78 13.25
C THR B 58 -15.29 -22.10 12.71
N ASN B 59 -14.96 -22.47 11.47
CA ASN B 59 -13.89 -21.86 10.70
C ASN B 59 -12.55 -21.82 11.44
N PRO B 60 -12.02 -22.98 11.82
CA PRO B 60 -10.71 -22.99 12.46
C PRO B 60 -9.61 -22.64 11.49
N SER B 61 -8.51 -22.17 12.05
CA SER B 61 -7.25 -22.02 11.34
C SER B 61 -6.20 -22.68 12.20
N PHE B 62 -5.38 -23.56 11.60
CA PHE B 62 -4.45 -24.38 12.37
C PHE B 62 -3.12 -24.44 11.65
N SER B 63 -2.04 -24.05 12.33
CA SER B 63 -0.70 -23.97 11.76
C SER B 63 0.31 -24.50 12.76
N ILE B 64 1.24 -25.31 12.26
CA ILE B 64 2.32 -25.86 13.06
C ILE B 64 3.65 -25.35 12.50
N GLY B 65 4.49 -24.82 13.39
CA GLY B 65 5.81 -24.36 13.03
C GLY B 65 6.89 -25.38 13.37
N SER B 66 7.87 -24.98 14.18
CA SER B 66 8.93 -25.90 14.58
C SER B 66 8.44 -26.88 15.62
N SER B 67 7.71 -26.39 16.61
CA SER B 67 7.17 -27.24 17.67
C SER B 67 5.91 -26.58 18.21
N ILE B 68 5.83 -25.25 18.11
CA ILE B 68 4.65 -24.55 18.58
C ILE B 68 3.56 -24.64 17.53
N TYR B 69 2.32 -24.52 17.98
CA TYR B 69 1.21 -24.42 17.06
C TYR B 69 0.42 -23.15 17.34
N MET B 70 -0.33 -22.75 16.32
CA MET B 70 -1.26 -21.64 16.35
C MET B 70 -2.63 -22.15 15.92
N PHE B 71 -3.67 -21.68 16.59
CA PHE B 71 -5.01 -22.17 16.36
C PHE B 71 -5.96 -21.01 16.60
N SER B 72 -6.90 -20.79 15.69
CA SER B 72 -7.92 -19.78 15.86
C SER B 72 -9.27 -20.39 15.53
N GLN B 73 -10.33 -19.83 16.12
CA GLN B 73 -11.68 -20.33 15.88
C GLN B 73 -12.66 -19.18 16.01
N GLU B 74 -13.70 -19.21 15.18
CA GLU B 74 -14.83 -18.28 15.29
C GLU B 74 -15.91 -18.89 16.16
N ILE B 75 -16.45 -18.08 17.08
CA ILE B 75 -17.56 -18.46 17.94
C ILE B 75 -18.74 -17.58 17.56
N ARG B 76 -19.78 -18.17 17.00
CA ARG B 76 -20.91 -17.43 16.45
C ARG B 76 -22.20 -17.76 17.19
N LYS B 77 -23.11 -16.81 17.23
CA LYS B 77 -24.38 -17.01 17.88
C LYS B 77 -25.32 -17.74 16.92
N THR B 78 -25.79 -18.92 17.34
CA THR B 78 -26.85 -19.68 16.67
C THR B 78 -26.46 -20.24 15.31
N ASP B 79 -26.18 -19.36 14.36
CA ASP B 79 -25.96 -19.72 12.97
C ASP B 79 -24.46 -19.79 12.70
N CYS B 80 -24.00 -20.93 12.19
CA CYS B 80 -22.58 -21.12 11.89
C CYS B 80 -22.10 -20.30 10.71
N THR B 81 -23.01 -19.85 9.85
CA THR B 81 -22.67 -19.12 8.64
C THR B 81 -22.97 -17.63 8.74
N ALA B 82 -24.12 -17.25 9.28
CA ALA B 82 -24.53 -15.86 9.33
C ALA B 82 -24.63 -15.32 10.74
N GLY B 83 -24.41 -16.15 11.75
CA GLY B 83 -24.52 -15.68 13.12
C GLY B 83 -23.47 -14.64 13.43
N GLU B 84 -23.83 -13.75 14.36
CA GLU B 84 -22.92 -12.72 14.83
C GLU B 84 -21.66 -13.35 15.41
N ILE B 85 -20.50 -12.83 15.02
CA ILE B 85 -19.26 -13.35 15.58
C ILE B 85 -19.13 -12.85 17.02
N LEU B 86 -19.34 -13.75 17.97
CA LEU B 86 -19.23 -13.39 19.38
C LEU B 86 -17.78 -13.22 19.80
N SER B 87 -16.88 -14.03 19.24
CA SER B 87 -15.49 -14.01 19.63
C SER B 87 -14.67 -14.70 18.56
N ILE B 88 -13.42 -14.26 18.40
CA ILE B 88 -12.41 -15.00 17.66
C ILE B 88 -11.30 -15.34 18.64
N GLN B 89 -11.19 -16.63 18.97
CA GLN B 89 -10.29 -17.08 20.03
C GLN B 89 -9.02 -17.65 19.41
N ILE B 90 -7.87 -17.25 19.95
CA ILE B 90 -6.56 -17.61 19.44
C ILE B 90 -5.86 -18.43 20.52
N VAL B 91 -5.18 -19.49 20.09
CA VAL B 91 -4.36 -20.29 21.00
C VAL B 91 -2.97 -20.45 20.41
N LEU B 92 -1.98 -19.98 21.15
CA LEU B 92 -0.59 -20.36 20.94
C LEU B 92 -0.28 -21.53 21.87
N GLY B 93 0.23 -22.61 21.30
CA GLY B 93 0.51 -23.80 22.09
C GLY B 93 1.71 -24.56 21.60
N ARG B 94 1.98 -25.70 22.21
CA ARG B 94 3.08 -26.56 21.81
C ARG B 94 2.56 -27.97 21.67
N ILE B 95 3.07 -28.69 20.67
CA ILE B 95 2.78 -30.10 20.50
C ILE B 95 3.80 -30.89 21.32
N VAL B 96 3.31 -31.73 22.23
CA VAL B 96 4.17 -32.39 23.21
C VAL B 96 3.71 -33.84 23.37
N ASP B 97 4.58 -34.63 24.00
CA ASP B 97 4.26 -35.99 24.39
C ASP B 97 3.85 -35.99 25.86
N LYS B 98 2.60 -36.35 26.14
CA LYS B 98 2.08 -36.45 27.50
C LYS B 98 1.88 -37.90 27.91
N GLY B 99 2.63 -38.82 27.31
CA GLY B 99 2.50 -40.21 27.66
C GLY B 99 1.27 -40.91 27.09
N GLN B 100 0.64 -40.33 26.09
CA GLN B 100 -0.50 -40.95 25.45
C GLN B 100 -0.03 -41.69 24.20
N GLN B 101 -0.97 -42.33 23.52
CA GLN B 101 -0.62 -43.09 22.34
C GLN B 101 -0.20 -42.19 21.18
N GLY B 102 -0.69 -40.94 21.17
CA GLY B 102 -0.34 -40.00 20.13
C GLY B 102 0.08 -38.67 20.70
N PRO B 103 0.51 -37.76 19.82
CA PRO B 103 0.93 -36.43 20.30
C PRO B 103 -0.23 -35.66 20.92
N GLN B 104 0.12 -34.68 21.76
CA GLN B 104 -0.87 -33.91 22.52
C GLN B 104 -0.55 -32.42 22.42
N ALA B 105 -1.44 -31.62 22.97
CA ALA B 105 -1.34 -30.17 22.87
C ALA B 105 -1.29 -29.54 24.25
N SER B 106 -0.47 -28.49 24.37
CA SER B 106 -0.39 -27.68 25.59
C SER B 106 -0.48 -26.21 25.23
N PRO B 107 -1.59 -25.56 25.53
CA PRO B 107 -1.68 -24.10 25.31
C PRO B 107 -0.64 -23.31 26.10
N LEU B 108 -0.11 -22.27 25.46
CA LEU B 108 0.81 -21.30 26.04
C LEU B 108 0.22 -19.92 26.22
N LEU B 109 -0.65 -19.50 25.31
CA LEU B 109 -1.30 -18.21 25.39
C LEU B 109 -2.69 -18.37 24.80
N VAL B 110 -3.71 -17.95 25.53
CA VAL B 110 -5.09 -17.94 25.05
C VAL B 110 -5.54 -16.48 25.01
N TRP B 111 -6.04 -16.04 23.86
CA TRP B 111 -6.26 -14.63 23.64
C TRP B 111 -7.39 -14.46 22.64
N ALA B 112 -8.14 -13.36 22.76
CA ALA B 112 -9.25 -13.10 21.85
C ALA B 112 -8.95 -11.87 21.00
N VAL B 113 -9.34 -11.94 19.74
CA VAL B 113 -9.20 -10.79 18.83
C VAL B 113 -10.13 -9.67 19.28
N PRO B 114 -9.63 -8.45 19.46
CA PRO B 114 -10.51 -7.33 19.85
C PRO B 114 -11.51 -6.97 18.75
N ASN B 115 -12.65 -6.45 19.19
CA ASN B 115 -13.69 -5.94 18.29
C ASN B 115 -13.99 -6.92 17.16
N PRO B 116 -14.46 -8.12 17.49
CA PRO B 116 -14.68 -9.12 16.42
C PRO B 116 -15.80 -8.75 15.45
N LYS B 117 -16.71 -7.86 15.82
CA LYS B 117 -17.81 -7.54 14.92
C LYS B 117 -17.33 -6.82 13.67
N ILE B 118 -16.12 -6.25 13.70
CA ILE B 118 -15.55 -5.55 12.54
C ILE B 118 -14.74 -6.47 11.64
N ILE B 119 -14.45 -7.69 12.11
CA ILE B 119 -13.58 -8.62 11.38
C ILE B 119 -14.34 -9.21 10.19
N ASN B 120 -13.68 -9.27 9.04
CA ASN B 120 -14.18 -10.16 7.99
C ASN B 120 -13.78 -11.60 8.30
N SER B 121 -12.48 -11.89 8.31
CA SER B 121 -11.97 -13.19 8.72
C SER B 121 -10.49 -13.05 9.08
N CYS B 122 -9.99 -14.07 9.77
CA CYS B 122 -8.61 -14.15 10.22
C CYS B 122 -8.02 -15.51 9.89
N ALA B 123 -6.69 -15.59 9.92
CA ALA B 123 -6.01 -16.88 9.86
C ALA B 123 -4.72 -16.80 10.67
N VAL B 124 -4.09 -17.95 10.89
CA VAL B 124 -2.91 -17.97 11.73
C VAL B 124 -1.71 -18.48 10.95
N ALA B 125 -0.52 -18.17 11.48
CA ALA B 125 0.73 -18.71 10.99
C ALA B 125 1.64 -18.94 12.18
N ALA B 126 2.17 -20.16 12.30
CA ALA B 126 3.02 -20.51 13.42
C ALA B 126 4.48 -20.33 13.01
N GLY B 127 5.26 -19.68 13.88
CA GLY B 127 6.68 -19.53 13.66
C GLY B 127 7.55 -20.24 14.69
N ASP B 128 8.74 -19.69 14.95
CA ASP B 128 9.70 -20.28 15.88
C ASP B 128 9.51 -19.63 17.24
N GLU B 129 8.85 -20.34 18.15
CA GLU B 129 8.49 -19.82 19.47
C GLU B 129 7.67 -18.53 19.37
N MET B 130 6.92 -18.37 18.28
CA MET B 130 6.01 -17.25 18.16
C MET B 130 4.98 -17.57 17.09
N GLY B 131 3.88 -16.83 17.10
CA GLY B 131 2.79 -17.07 16.18
C GLY B 131 2.18 -15.76 15.72
N TRP B 132 1.46 -15.84 14.62
CA TRP B 132 0.91 -14.67 13.96
C TRP B 132 -0.55 -14.90 13.60
N VAL B 133 -1.37 -13.86 13.77
CA VAL B 133 -2.75 -13.82 13.34
C VAL B 133 -2.89 -12.64 12.38
N LEU B 134 -3.38 -12.90 11.16
CA LEU B 134 -3.68 -11.85 10.20
C LEU B 134 -5.19 -11.82 10.01
N CYS B 135 -5.80 -10.65 10.21
CA CYS B 135 -7.22 -10.43 10.08
C CYS B 135 -7.46 -9.32 9.07
N SER B 136 -8.48 -9.49 8.24
CA SER B 136 -8.99 -8.39 7.45
C SER B 136 -10.20 -7.80 8.17
N VAL B 137 -10.40 -6.50 8.01
CA VAL B 137 -11.51 -5.82 8.65
C VAL B 137 -12.33 -5.11 7.58
N THR B 138 -13.59 -4.88 7.91
CA THR B 138 -14.52 -4.14 7.07
C THR B 138 -14.64 -2.70 7.58
N LEU B 139 -15.35 -1.88 6.81
CA LEU B 139 -15.58 -0.50 7.19
C LEU B 139 -16.59 -0.40 8.32
N THR B 140 -16.52 0.71 9.04
CA THR B 140 -17.44 0.97 10.14
C THR B 140 -18.26 2.21 9.82
N ALA B 141 -19.56 2.13 10.11
CA ALA B 141 -20.44 3.28 9.99
C ALA B 141 -20.17 4.27 11.12
N ALA B 142 -20.83 5.43 11.03
CA ALA B 142 -20.70 6.44 12.09
C ALA B 142 -21.21 5.91 13.43
N SER B 143 -22.19 5.00 13.40
CA SER B 143 -22.66 4.37 14.62
C SER B 143 -21.64 3.40 15.21
N GLY B 144 -20.54 3.13 14.51
CA GLY B 144 -19.63 2.10 14.93
C GLY B 144 -19.98 0.71 14.46
N GLU B 145 -21.18 0.51 13.93
CA GLU B 145 -21.57 -0.79 13.42
C GLU B 145 -20.79 -1.12 12.15
N PRO B 146 -20.57 -2.40 11.88
CA PRO B 146 -19.87 -2.77 10.63
C PRO B 146 -20.76 -2.56 9.42
N ILE B 147 -20.11 -2.16 8.32
CA ILE B 147 -20.74 -2.18 7.00
C ILE B 147 -20.34 -3.51 6.36
N PRO B 148 -21.23 -4.49 6.29
CA PRO B 148 -20.82 -5.82 5.83
C PRO B 148 -20.30 -5.81 4.40
N HIS B 149 -19.40 -6.76 4.12
CA HIS B 149 -18.84 -7.03 2.80
C HIS B 149 -17.83 -5.97 2.33
N MET B 150 -17.28 -5.17 3.22
CA MET B 150 -16.38 -4.10 2.81
C MET B 150 -14.95 -4.40 3.30
N PHE B 151 -14.08 -3.40 3.20
CA PHE B 151 -12.67 -3.60 3.44
C PHE B 151 -12.04 -2.34 3.97
N ASP B 152 -11.34 -2.44 5.09
CA ASP B 152 -10.67 -1.31 5.71
C ASP B 152 -9.29 -1.75 6.21
N GLY B 153 -8.56 -2.48 5.37
CA GLY B 153 -7.22 -2.89 5.73
C GLY B 153 -7.19 -4.11 6.65
N PHE B 154 -6.09 -4.21 7.40
CA PHE B 154 -5.78 -5.41 8.17
C PHE B 154 -5.38 -5.07 9.60
N TRP B 155 -5.47 -6.09 10.44
CA TRP B 155 -4.79 -6.19 11.73
C TRP B 155 -3.87 -7.40 11.70
N LEU B 156 -2.64 -7.22 12.17
CA LEU B 156 -1.69 -8.31 12.37
C LEU B 156 -1.37 -8.37 13.86
N TYR B 157 -1.37 -9.58 14.42
CA TYR B 157 -1.07 -9.78 15.82
C TYR B 157 0.07 -10.77 15.97
N LYS B 158 1.01 -10.46 16.86
CA LYS B 158 2.17 -11.30 17.16
C LYS B 158 2.05 -11.85 18.57
N LEU B 159 2.08 -13.17 18.68
CA LEU B 159 1.96 -13.85 19.97
C LEU B 159 3.27 -14.56 20.30
N GLU B 160 3.69 -14.44 21.57
CA GLU B 160 4.95 -14.99 22.06
C GLU B 160 4.73 -15.39 23.51
N PRO B 161 5.23 -16.55 23.93
CA PRO B 161 5.01 -16.97 25.32
C PRO B 161 5.52 -15.94 26.31
N ASP B 162 4.74 -15.73 27.37
CA ASP B 162 5.11 -14.86 28.50
C ASP B 162 5.30 -13.42 28.07
N THR B 163 4.61 -13.02 27.00
CA THR B 163 4.71 -11.68 26.43
C THR B 163 3.32 -11.19 26.05
N GLU B 164 3.08 -9.89 26.26
CA GLU B 164 1.84 -9.30 25.77
C GLU B 164 1.79 -9.39 24.25
N VAL B 165 0.58 -9.58 23.72
CA VAL B 165 0.38 -9.57 22.28
C VAL B 165 0.68 -8.19 21.72
N VAL B 166 1.38 -8.16 20.60
CA VAL B 166 1.67 -6.92 19.88
C VAL B 166 0.77 -6.83 18.67
N SER B 167 0.13 -5.67 18.49
CA SER B 167 -0.81 -5.39 17.40
C SER B 167 -0.18 -4.44 16.38
N TYR B 168 -0.49 -4.68 15.11
CA TYR B 168 -0.06 -3.82 14.01
C TYR B 168 -1.29 -3.50 13.18
N ARG B 169 -1.71 -2.23 13.16
CA ARG B 169 -2.80 -1.80 12.29
C ARG B 169 -2.23 -1.50 10.91
N ILE B 170 -2.78 -2.12 9.87
CA ILE B 170 -2.21 -2.03 8.53
C ILE B 170 -3.29 -1.44 7.62
N THR B 171 -3.28 -0.11 7.49
CA THR B 171 -4.23 0.58 6.63
C THR B 171 -3.54 0.95 5.31
N GLY B 172 -4.14 1.87 4.55
CA GLY B 172 -3.74 2.08 3.16
C GLY B 172 -2.26 2.36 2.98
N TYR B 173 -1.65 3.13 3.88
CA TYR B 173 -0.25 3.50 3.72
C TYR B 173 0.66 2.28 3.77
N ALA B 174 0.20 1.16 4.31
CA ALA B 174 1.08 0.02 4.50
C ALA B 174 0.63 -1.21 3.70
N TYR B 175 -0.25 -1.05 2.72
CA TYR B 175 -0.54 -2.19 1.86
C TYR B 175 -0.71 -1.74 0.43
N LEU B 176 -0.35 -2.62 -0.52
CA LEU B 176 -0.60 -2.46 -1.95
C LEU B 176 -1.25 -3.74 -2.45
N LEU B 177 -2.35 -3.59 -3.20
CA LEU B 177 -2.98 -4.69 -3.91
C LEU B 177 -2.97 -4.40 -5.40
N ASP B 178 -2.67 -5.43 -6.21
CA ASP B 178 -2.57 -5.24 -7.64
C ASP B 178 -3.91 -4.93 -8.29
N LYS B 179 -5.02 -5.13 -7.59
CA LYS B 179 -6.33 -4.72 -8.04
C LYS B 179 -7.05 -4.08 -6.87
N GLN B 180 -8.04 -3.26 -7.17
CA GLN B 180 -8.84 -2.69 -6.11
C GLN B 180 -9.81 -3.74 -5.58
N TYR B 181 -9.75 -3.99 -4.27
CA TYR B 181 -10.65 -4.94 -3.63
C TYR B 181 -11.68 -4.19 -2.82
N ASP B 182 -12.95 -4.50 -3.03
CA ASP B 182 -14.01 -3.94 -2.20
C ASP B 182 -14.26 -4.77 -0.94
N SER B 183 -13.88 -6.03 -0.96
CA SER B 183 -13.96 -6.89 0.22
C SER B 183 -12.74 -7.79 0.22
N VAL B 184 -12.25 -8.10 1.42
CA VAL B 184 -11.09 -8.96 1.59
C VAL B 184 -11.37 -9.92 2.74
N PHE B 185 -11.16 -11.21 2.50
CA PHE B 185 -11.28 -12.25 3.50
C PHE B 185 -10.00 -13.07 3.49
N ILE B 186 -9.34 -13.17 4.65
CA ILE B 186 -8.16 -14.01 4.75
C ILE B 186 -8.58 -15.47 4.66
N GLY B 187 -7.82 -16.27 3.91
CA GLY B 187 -8.13 -17.68 3.79
C GLY B 187 -7.91 -18.41 5.10
N LYS B 188 -8.96 -19.04 5.63
CA LYS B 188 -8.88 -19.66 6.95
C LYS B 188 -7.89 -20.80 7.02
N GLY B 189 -7.45 -21.33 5.88
CA GLY B 189 -6.46 -22.40 5.93
C GLY B 189 -5.16 -21.97 6.60
N GLY B 190 -4.84 -20.70 6.55
CA GLY B 190 -3.70 -20.17 7.29
C GLY B 190 -2.53 -19.80 6.41
N GLY B 191 -1.49 -19.29 7.07
CA GLY B 191 -0.30 -18.85 6.38
C GLY B 191 0.98 -19.47 6.89
N ILE B 192 2.12 -18.99 6.38
CA ILE B 192 3.43 -19.50 6.78
C ILE B 192 4.33 -18.32 7.09
N GLN B 193 5.34 -18.57 7.90
CA GLN B 193 6.45 -17.65 8.08
C GLN B 193 7.66 -18.22 7.37
N LYS B 194 8.36 -17.37 6.63
CA LYS B 194 9.61 -17.73 5.99
C LYS B 194 10.57 -16.58 6.25
N GLY B 195 11.50 -16.79 7.17
CA GLY B 195 12.43 -15.73 7.51
C GLY B 195 11.72 -14.55 8.11
N ASN B 196 11.95 -13.38 7.53
CA ASN B 196 11.43 -12.12 8.02
C ASN B 196 10.09 -11.74 7.37
N ASP B 197 9.40 -12.68 6.74
CA ASP B 197 8.16 -12.43 6.03
C ASP B 197 7.10 -13.45 6.39
N LEU B 198 5.84 -13.07 6.24
CA LEU B 198 4.72 -14.02 6.28
C LEU B 198 4.04 -14.09 4.92
N TYR B 199 3.46 -15.24 4.61
CA TYR B 199 2.69 -15.41 3.39
C TYR B 199 1.33 -16.00 3.73
N PHE B 200 0.26 -15.32 3.28
CA PHE B 200 -1.11 -15.75 3.46
C PHE B 200 -1.81 -15.74 2.11
N GLN B 201 -3.04 -16.25 2.12
CA GLN B 201 -3.92 -16.16 0.97
C GLN B 201 -5.19 -15.43 1.38
N MET B 202 -5.78 -14.70 0.43
CA MET B 202 -7.04 -14.04 0.68
C MET B 202 -7.89 -14.12 -0.58
N TYR B 203 -9.18 -13.81 -0.42
CA TYR B 203 -10.11 -13.80 -1.53
C TYR B 203 -11.13 -12.71 -1.25
N GLY B 204 -11.78 -12.23 -2.30
CA GLY B 204 -12.82 -11.24 -2.14
C GLY B 204 -13.20 -10.62 -3.47
N LEU B 205 -13.96 -9.54 -3.37
CA LEU B 205 -14.46 -8.84 -4.55
C LEU B 205 -13.41 -7.86 -5.06
N SER B 206 -12.97 -8.05 -6.30
CA SER B 206 -12.01 -7.17 -6.95
C SER B 206 -12.64 -6.55 -8.20
N ARG B 207 -12.16 -5.37 -8.56
CA ARG B 207 -12.64 -4.65 -9.72
C ARG B 207 -11.87 -5.10 -10.95
N ASN B 208 -12.57 -5.22 -12.08
CA ASN B 208 -11.94 -5.72 -13.29
C ASN B 208 -12.13 -4.82 -14.51
N GLN B 210 -11.43 -5.16 -17.81
CA GLN B 210 -11.09 -5.89 -19.03
C GLN B 210 -11.89 -7.19 -19.17
N SER B 211 -12.09 -7.62 -20.41
CA SER B 211 -12.73 -8.89 -20.66
C SER B 211 -11.78 -10.03 -20.30
N PHE B 212 -12.35 -11.21 -20.08
CA PHE B 212 -11.56 -12.35 -19.64
C PHE B 212 -12.19 -13.63 -20.16
N LYS B 213 -11.40 -14.70 -20.12
CA LYS B 213 -11.81 -16.05 -20.48
C LYS B 213 -11.49 -16.94 -19.26
N ALA B 214 -12.50 -17.21 -18.44
CA ALA B 214 -12.28 -17.89 -17.17
C ALA B 214 -11.85 -19.33 -17.38
N LEU B 215 -11.06 -19.83 -16.42
CA LEU B 215 -10.69 -21.24 -16.42
C LEU B 215 -11.95 -22.10 -16.45
N CYS B 216 -11.93 -23.14 -17.27
CA CYS B 216 -13.15 -23.89 -17.59
C CYS B 216 -12.80 -25.35 -17.92
N GLU B 217 -12.07 -26.02 -17.04
CA GLU B 217 -11.66 -27.40 -17.27
C GLU B 217 -12.69 -28.36 -16.69
N HIS B 218 -13.12 -29.32 -17.50
CA HIS B 218 -14.18 -30.25 -17.13
C HIS B 218 -14.08 -31.48 -18.03
N GLY B 219 -14.97 -32.43 -17.82
CA GLY B 219 -15.01 -33.64 -18.61
C GLY B 219 -15.89 -33.50 -19.83
N SER B 220 -16.42 -34.62 -20.30
CA SER B 220 -17.34 -34.59 -21.43
C SER B 220 -18.70 -34.13 -20.93
N CYS B 221 -19.17 -32.99 -21.45
CA CYS B 221 -20.36 -32.34 -20.93
C CYS B 221 -21.43 -32.02 -21.96
N LEU B 222 -21.10 -31.96 -23.24
CA LEU B 222 -22.16 -31.67 -24.22
C LEU B 222 -23.16 -32.82 -24.29
N GLY B 223 -22.68 -34.07 -24.19
CA GLY B 223 -23.54 -35.24 -24.25
C GLY B 223 -24.58 -35.33 -23.14
N THR B 224 -24.48 -34.50 -22.09
CA THR B 224 -25.49 -34.47 -21.04
C THR B 224 -26.75 -33.73 -21.46
N GLY B 225 -26.71 -33.01 -22.58
CA GLY B 225 -27.84 -32.24 -23.02
C GLY B 225 -27.74 -30.75 -22.77
N GLY B 226 -26.77 -30.31 -21.97
CA GLY B 226 -26.57 -28.91 -21.70
C GLY B 226 -25.70 -28.25 -22.76
N GLY B 227 -25.30 -27.02 -22.46
CA GLY B 227 -24.40 -26.27 -23.32
C GLY B 227 -24.06 -24.94 -22.70
N GLY B 228 -23.38 -24.11 -23.48
CA GLY B 228 -22.93 -22.78 -23.06
C GLY B 228 -22.01 -22.80 -21.85
N TYR B 229 -21.04 -23.72 -21.82
CA TYR B 229 -20.27 -23.94 -20.59
C TYR B 229 -19.24 -22.82 -20.35
N GLN B 230 -18.58 -22.33 -21.40
CA GLN B 230 -17.62 -21.26 -21.19
C GLN B 230 -18.29 -20.00 -20.63
N VAL B 231 -19.51 -19.71 -21.09
CA VAL B 231 -20.25 -18.58 -20.57
C VAL B 231 -20.55 -18.77 -19.08
N LEU B 232 -20.90 -20.01 -18.70
CA LEU B 232 -21.15 -20.31 -17.30
C LEU B 232 -19.88 -20.16 -16.47
N CYS B 233 -18.74 -20.57 -17.02
CA CYS B 233 -17.47 -20.41 -16.32
C CYS B 233 -17.16 -18.94 -16.06
N ASP B 234 -17.42 -18.09 -17.06
CA ASP B 234 -17.19 -16.66 -16.89
C ASP B 234 -18.08 -16.08 -15.80
N ARG B 235 -19.37 -16.41 -15.83
CA ARG B 235 -20.31 -15.86 -14.87
C ARG B 235 -20.06 -16.42 -13.47
N ALA B 236 -19.47 -17.61 -13.38
CA ALA B 236 -19.26 -18.22 -12.08
C ALA B 236 -18.27 -17.43 -11.23
N VAL B 237 -17.36 -16.68 -11.85
CA VAL B 237 -16.41 -15.89 -11.08
C VAL B 237 -16.87 -14.46 -10.86
N MET B 238 -18.02 -14.06 -11.41
CA MET B 238 -18.54 -12.72 -11.25
C MET B 238 -19.41 -12.60 -10.01
N SER B 239 -19.54 -11.38 -9.53
CA SER B 239 -20.44 -11.06 -8.43
C SER B 239 -21.77 -10.59 -9.01
N PHE B 240 -22.80 -11.41 -8.88
CA PHE B 240 -24.15 -11.09 -9.35
C PHE B 240 -24.15 -10.54 -10.78
N GLY B 241 -23.42 -11.22 -11.65
CA GLY B 241 -23.43 -10.95 -13.08
C GLY B 241 -22.67 -9.73 -13.56
N SER B 242 -21.78 -9.15 -12.76
CA SER B 242 -21.04 -7.96 -13.14
C SER B 242 -19.64 -8.35 -13.61
N GLU B 243 -19.27 -7.92 -14.82
CA GLU B 243 -17.97 -8.30 -15.39
C GLU B 243 -16.80 -7.60 -14.72
N GLU B 244 -17.02 -6.44 -14.13
CA GLU B 244 -15.95 -5.65 -13.54
C GLU B 244 -15.88 -5.85 -12.04
N SER B 245 -16.68 -6.77 -11.50
CA SER B 245 -16.60 -7.14 -10.09
C SER B 245 -16.52 -8.66 -10.06
N LEU B 246 -15.33 -9.18 -9.79
CA LEU B 246 -15.02 -10.59 -9.72
C LEU B 246 -14.71 -11.01 -8.29
N ILE B 247 -14.84 -12.31 -8.02
CA ILE B 247 -14.45 -12.89 -6.76
C ILE B 247 -13.15 -13.65 -7.02
N THR B 248 -12.04 -13.10 -6.57
CA THR B 248 -10.73 -13.56 -6.98
C THR B 248 -9.88 -13.93 -5.76
N ASN B 249 -8.86 -14.74 -6.01
CA ASN B 249 -7.87 -15.10 -5.00
C ASN B 249 -6.61 -14.25 -5.16
N ALA B 250 -5.89 -14.07 -4.05
CA ALA B 250 -4.64 -13.33 -4.08
C ALA B 250 -3.64 -13.90 -3.07
N TYR B 251 -2.38 -13.93 -3.46
CA TYR B 251 -1.29 -14.11 -2.50
C TYR B 251 -1.08 -12.81 -1.74
N LEU B 252 -0.92 -12.90 -0.42
CA LEU B 252 -0.55 -11.77 0.42
C LEU B 252 0.83 -12.07 1.01
N LYS B 253 1.77 -11.17 0.76
CA LYS B 253 3.07 -11.21 1.39
C LYS B 253 3.13 -10.14 2.46
N VAL B 254 3.51 -10.52 3.67
CA VAL B 254 3.71 -9.57 4.77
C VAL B 254 5.20 -9.35 4.89
N ASN B 255 5.66 -8.16 4.54
CA ASN B 255 7.08 -7.82 4.52
C ASN B 255 7.49 -7.13 5.81
N ASP B 256 8.78 -7.22 6.13
CA ASP B 256 9.44 -6.36 7.13
C ASP B 256 8.96 -6.62 8.56
N LEU B 257 8.91 -7.89 8.95
CA LEU B 257 8.42 -8.22 10.29
C LEU B 257 9.30 -7.59 11.37
N ALA B 258 10.61 -7.78 11.26
CA ALA B 258 11.52 -7.28 12.28
C ALA B 258 11.46 -5.77 12.45
N SER B 259 10.98 -5.04 11.44
CA SER B 259 10.93 -3.59 11.52
C SER B 259 9.84 -3.08 12.44
N GLY B 260 8.88 -3.92 12.81
CA GLY B 260 7.73 -3.45 13.54
C GLY B 260 6.76 -2.64 12.71
N LYS B 261 7.00 -2.48 11.40
CA LYS B 261 6.12 -1.76 10.48
C LYS B 261 5.88 -2.65 9.27
N PRO B 262 5.07 -3.69 9.43
CA PRO B 262 4.90 -4.63 8.32
C PRO B 262 4.15 -4.00 7.16
N VAL B 263 4.49 -4.44 5.96
CA VAL B 263 3.87 -3.96 4.72
C VAL B 263 3.29 -5.18 4.00
N ILE B 264 2.05 -5.06 3.52
CA ILE B 264 1.35 -6.16 2.88
C ILE B 264 1.23 -5.89 1.39
N ILE B 265 1.70 -6.82 0.57
CA ILE B 265 1.64 -6.74 -0.88
C ILE B 265 0.77 -7.88 -1.38
N GLY B 266 -0.21 -7.57 -2.22
CA GLY B 266 -1.14 -8.57 -2.74
C GLY B 266 -1.03 -8.73 -4.24
N GLN B 267 -1.20 -9.97 -4.70
CA GLN B 267 -1.08 -10.31 -6.11
C GLN B 267 -2.17 -11.31 -6.46
N THR B 268 -2.99 -10.99 -7.48
CA THR B 268 -4.25 -11.68 -7.77
C THR B 268 -4.13 -12.70 -8.89
N PHE B 269 -4.74 -13.87 -8.69
CA PHE B 269 -4.89 -14.86 -9.76
C PHE B 269 -5.94 -14.38 -10.76
N PRO B 270 -5.62 -14.26 -12.04
CA PRO B 270 -6.62 -13.89 -13.03
C PRO B 270 -7.65 -14.99 -13.21
N PRO B 271 -8.85 -14.66 -13.71
CA PRO B 271 -9.88 -15.69 -13.91
C PRO B 271 -9.47 -16.82 -14.84
N SER B 272 -8.57 -16.55 -15.79
CA SER B 272 -8.05 -17.61 -16.65
C SER B 272 -7.22 -18.65 -15.91
N ASP B 273 -6.86 -18.40 -14.64
CA ASP B 273 -6.02 -19.31 -13.88
C ASP B 273 -6.67 -19.71 -12.56
N SER B 274 -7.98 -19.53 -12.40
CA SER B 274 -8.61 -19.80 -11.12
C SER B 274 -10.11 -19.94 -11.28
N TYR B 275 -10.72 -20.73 -10.40
CA TYR B 275 -12.17 -20.74 -10.25
C TYR B 275 -12.55 -19.61 -9.30
N LYS B 276 -13.84 -19.52 -8.95
CA LYS B 276 -14.29 -18.49 -8.03
C LYS B 276 -13.42 -18.50 -6.77
N GLY B 277 -13.05 -17.30 -6.32
CA GLY B 277 -12.23 -17.13 -5.14
C GLY B 277 -12.78 -17.86 -3.92
N SER B 278 -11.89 -18.24 -3.00
CA SER B 278 -12.32 -19.08 -1.89
C SER B 278 -11.29 -19.06 -0.77
N ASN B 279 -11.66 -19.69 0.34
CA ASN B 279 -10.72 -19.91 1.44
C ASN B 279 -9.57 -20.78 0.97
N GLY B 280 -8.34 -20.33 1.21
CA GLY B 280 -7.16 -21.08 0.83
C GLY B 280 -6.14 -21.27 1.95
N ARG B 281 -4.98 -21.82 1.62
CA ARG B 281 -3.94 -22.08 2.61
C ARG B 281 -2.57 -22.05 1.97
N MET B 282 -1.61 -21.42 2.65
CA MET B 282 -0.22 -21.44 2.21
C MET B 282 0.53 -22.58 2.88
N TYR B 283 1.46 -23.18 2.15
CA TYR B 283 2.28 -24.28 2.66
C TYR B 283 3.75 -24.01 2.40
N THR B 284 4.58 -24.53 3.29
CA THR B 284 5.99 -24.76 3.04
C THR B 284 6.18 -26.21 2.62
N ILE B 285 6.81 -26.42 1.46
CA ILE B 285 7.02 -27.76 0.91
C ILE B 285 8.50 -27.88 0.56
N GLY B 286 9.31 -28.27 1.54
CA GLY B 286 10.75 -28.30 1.31
C GLY B 286 11.24 -26.89 1.03
N ASP B 287 12.03 -26.74 -0.02
CA ASP B 287 12.48 -25.41 -0.43
C ASP B 287 11.45 -24.67 -1.30
N LYS B 288 10.32 -25.30 -1.63
CA LYS B 288 9.25 -24.66 -2.39
C LYS B 288 8.06 -24.37 -1.48
N TYR B 289 6.93 -24.04 -2.09
CA TYR B 289 5.75 -23.60 -1.37
C TYR B 289 4.50 -24.15 -2.03
N GLY B 290 3.39 -24.15 -1.29
CA GLY B 290 2.15 -24.70 -1.80
C GLY B 290 0.97 -23.80 -1.47
N LEU B 291 -0.13 -24.04 -2.21
CA LEU B 291 -1.39 -23.32 -2.07
C LEU B 291 -2.54 -24.30 -2.26
N TYR B 292 -3.44 -24.37 -1.28
CA TYR B 292 -4.71 -25.07 -1.40
C TYR B 292 -5.82 -24.04 -1.58
N LEU B 293 -6.77 -24.32 -2.47
CA LEU B 293 -7.93 -23.46 -2.64
C LEU B 293 -9.18 -24.32 -2.51
N ALA B 294 -9.98 -24.06 -1.49
CA ALA B 294 -11.21 -24.82 -1.32
C ALA B 294 -12.16 -24.51 -2.48
N PRO B 295 -12.94 -25.49 -2.94
CA PRO B 295 -13.96 -25.19 -3.95
C PRO B 295 -15.03 -24.28 -3.37
N SER B 296 -15.27 -23.17 -4.06
CA SER B 296 -16.40 -22.31 -3.76
C SER B 296 -17.46 -22.35 -4.85
N SER B 297 -17.23 -23.11 -5.91
CA SER B 297 -18.05 -23.01 -7.11
C SER B 297 -18.33 -24.38 -7.73
N TRP B 298 -18.40 -24.45 -9.07
CA TRP B 298 -18.80 -25.67 -9.75
C TRP B 298 -17.68 -26.70 -9.84
N ASN B 299 -16.42 -26.28 -9.76
CA ASN B 299 -15.33 -27.23 -9.86
C ASN B 299 -14.94 -27.69 -8.46
N ARG B 300 -15.29 -28.93 -8.15
CA ARG B 300 -15.19 -29.49 -6.81
C ARG B 300 -13.98 -30.38 -6.62
N TYR B 301 -13.11 -30.52 -7.62
CA TYR B 301 -11.88 -31.27 -7.50
C TYR B 301 -10.87 -30.53 -6.64
N LEU B 302 -9.86 -31.28 -6.17
CA LEU B 302 -8.72 -30.69 -5.49
C LEU B 302 -8.09 -29.59 -6.34
N ARG B 303 -7.89 -28.43 -5.72
CA ARG B 303 -7.19 -27.32 -6.37
C ARG B 303 -5.98 -27.00 -5.52
N PHE B 304 -4.81 -27.43 -5.98
CA PHE B 304 -3.60 -27.33 -5.20
C PHE B 304 -2.44 -26.98 -6.11
N GLY B 305 -1.72 -25.92 -5.75
CA GLY B 305 -0.64 -25.42 -6.58
C GLY B 305 0.69 -25.48 -5.85
N ILE B 306 1.75 -25.71 -6.60
CA ILE B 306 3.11 -25.69 -6.09
C ILE B 306 3.85 -24.55 -6.77
N THR B 307 4.59 -23.75 -5.98
CA THR B 307 5.32 -22.64 -6.54
C THR B 307 6.67 -22.48 -5.85
N PRO B 308 7.74 -22.22 -6.61
CA PRO B 308 9.06 -22.05 -5.98
C PRO B 308 9.28 -20.68 -5.35
N ASP B 309 8.50 -19.66 -5.71
CA ASP B 309 8.75 -18.32 -5.16
C ASP B 309 7.47 -17.56 -4.82
N ILE B 310 6.33 -18.25 -4.76
CA ILE B 310 5.05 -17.66 -4.39
C ILE B 310 4.68 -16.51 -5.32
N SER B 311 4.34 -16.87 -6.55
CA SER B 311 3.87 -15.91 -7.54
C SER B 311 2.87 -16.64 -8.42
N VAL B 312 1.89 -15.89 -8.94
CA VAL B 312 0.87 -16.50 -9.76
C VAL B 312 1.49 -17.22 -10.96
N ARG B 313 2.47 -16.58 -11.62
CA ARG B 313 3.03 -17.15 -12.84
C ARG B 313 3.77 -18.45 -12.58
N SER B 314 4.29 -18.67 -11.38
CA SER B 314 5.07 -19.86 -11.10
C SER B 314 4.30 -20.93 -10.33
N THR B 315 2.98 -20.81 -10.26
CA THR B 315 2.15 -21.77 -9.53
C THR B 315 1.66 -22.85 -10.49
N THR B 316 2.10 -24.08 -10.28
CA THR B 316 1.73 -25.24 -11.08
C THR B 316 0.71 -26.07 -10.29
N TRP B 317 -0.38 -26.45 -10.96
CA TRP B 317 -1.47 -27.12 -10.27
C TRP B 317 -1.33 -28.64 -10.36
N LEU B 318 -1.62 -29.32 -9.26
CA LEU B 318 -1.62 -30.78 -9.27
C LEU B 318 -2.74 -31.31 -10.16
N LYS B 319 -2.46 -32.42 -10.84
CA LYS B 319 -3.47 -33.05 -11.68
C LYS B 319 -4.36 -34.02 -10.94
N SER B 320 -3.97 -34.44 -9.75
CA SER B 320 -4.80 -35.34 -8.97
C SER B 320 -6.11 -34.65 -8.55
N GLN B 321 -7.17 -35.45 -8.48
CA GLN B 321 -8.51 -34.93 -8.17
C GLN B 321 -8.91 -35.05 -6.70
N ASP B 322 -8.29 -35.91 -5.96
CA ASP B 322 -8.84 -36.19 -4.64
C ASP B 322 -8.20 -35.30 -3.57
N PRO B 323 -8.97 -34.85 -2.58
CA PRO B 323 -10.39 -35.17 -2.39
C PRO B 323 -11.34 -34.35 -3.25
N ILE B 324 -12.47 -34.95 -3.60
CA ILE B 324 -13.54 -34.25 -4.28
C ILE B 324 -14.53 -33.79 -3.21
N MET B 325 -14.87 -32.50 -3.23
CA MET B 325 -15.80 -31.97 -2.24
C MET B 325 -17.23 -32.38 -2.62
N LYS B 326 -17.86 -33.14 -1.75
CA LYS B 326 -19.18 -33.70 -2.04
C LYS B 326 -20.27 -33.19 -1.13
N ILE B 327 -19.95 -32.41 -0.11
CA ILE B 327 -20.94 -31.87 0.81
C ILE B 327 -20.99 -30.37 0.63
N LEU B 328 -22.03 -29.76 1.22
CA LEU B 328 -22.15 -28.30 1.34
C LEU B 328 -22.07 -27.59 -0.01
N SER B 329 -22.78 -28.13 -0.99
CA SER B 329 -22.75 -27.57 -2.33
C SER B 329 -24.14 -27.59 -2.93
N THR B 330 -24.52 -26.49 -3.57
CA THR B 330 -25.75 -26.44 -4.35
C THR B 330 -25.56 -26.98 -5.77
N CYS B 331 -24.36 -27.42 -6.13
CA CYS B 331 -24.11 -27.91 -7.46
C CYS B 331 -24.81 -29.25 -7.68
N THR B 332 -25.16 -29.51 -8.93
CA THR B 332 -25.79 -30.77 -9.32
C THR B 332 -24.98 -31.51 -10.35
N ASN B 333 -23.75 -31.09 -10.62
CA ASN B 333 -22.95 -31.81 -11.60
C ASN B 333 -22.42 -33.11 -10.98
N THR B 334 -21.81 -33.94 -11.82
CA THR B 334 -21.31 -35.25 -11.43
C THR B 334 -19.83 -35.18 -11.08
N ASP B 335 -19.40 -36.09 -10.21
CA ASP B 335 -17.97 -36.12 -9.86
C ASP B 335 -17.13 -36.49 -11.07
N ARG B 336 -17.70 -37.23 -12.02
CA ARG B 336 -16.92 -37.72 -13.15
C ARG B 336 -16.63 -36.61 -14.15
N ASP B 337 -17.61 -35.77 -14.48
CA ASP B 337 -17.42 -34.79 -15.53
C ASP B 337 -17.41 -33.35 -15.05
N MET B 338 -18.04 -33.07 -13.90
CA MET B 338 -17.91 -31.77 -13.23
C MET B 338 -18.31 -30.63 -14.16
N CYS B 339 -19.49 -30.75 -14.77
CA CYS B 339 -19.88 -29.77 -15.77
C CYS B 339 -20.14 -28.41 -15.13
N PRO B 340 -19.64 -27.32 -15.72
CA PRO B 340 -19.85 -26.00 -15.12
C PRO B 340 -21.32 -25.64 -15.01
N GLU B 341 -21.61 -24.84 -13.99
CA GLU B 341 -22.94 -24.33 -13.72
C GLU B 341 -22.76 -23.26 -12.66
N ILE B 342 -23.83 -22.51 -12.41
CA ILE B 342 -23.84 -21.47 -11.38
C ILE B 342 -24.30 -22.11 -10.08
N CYS B 343 -23.36 -22.31 -9.16
CA CYS B 343 -23.66 -22.93 -7.88
C CYS B 343 -22.61 -22.49 -6.86
N ASN B 344 -22.87 -22.81 -5.59
CA ASN B 344 -22.02 -22.37 -4.48
CA ASN B 344 -22.02 -22.37 -4.48
C ASN B 344 -21.60 -23.57 -3.66
N THR B 345 -20.30 -23.70 -3.43
CA THR B 345 -19.71 -24.72 -2.57
C THR B 345 -19.03 -24.07 -1.38
N ARG B 346 -19.20 -24.65 -0.19
CA ARG B 346 -18.79 -23.98 1.03
C ARG B 346 -17.99 -24.83 2.01
N GLY B 347 -17.48 -25.98 1.58
CA GLY B 347 -16.67 -26.81 2.45
C GLY B 347 -15.22 -26.42 2.45
N TYR B 348 -14.43 -27.23 3.16
CA TYR B 348 -12.98 -27.05 3.22
C TYR B 348 -12.40 -28.40 3.59
N GLN B 349 -11.56 -28.97 2.72
CA GLN B 349 -10.90 -30.24 2.99
C GLN B 349 -9.53 -30.18 2.31
N ASP B 350 -8.51 -29.70 3.05
CA ASP B 350 -7.20 -29.53 2.43
C ASP B 350 -6.39 -30.82 2.49
N ILE B 351 -5.16 -30.77 1.99
CA ILE B 351 -4.26 -31.91 1.99
C ILE B 351 -3.02 -31.53 2.77
N PHE B 352 -2.16 -32.52 3.02
CA PHE B 352 -0.81 -32.22 3.50
C PHE B 352 0.19 -33.02 2.67
N PRO B 353 1.11 -32.35 1.99
CA PRO B 353 2.07 -33.07 1.14
C PRO B 353 2.95 -33.98 1.98
N LEU B 354 3.22 -35.18 1.45
CA LEU B 354 4.12 -36.15 2.04
C LEU B 354 5.35 -36.40 1.18
N SER B 355 5.53 -35.62 0.12
CA SER B 355 6.71 -35.68 -0.73
C SER B 355 6.99 -34.29 -1.29
N GLU B 356 8.18 -34.11 -1.84
CA GLU B 356 8.59 -32.79 -2.30
C GLU B 356 7.76 -32.31 -3.48
N ASP B 357 7.29 -33.20 -4.34
CA ASP B 357 6.42 -32.81 -5.45
C ASP B 357 4.95 -32.91 -5.08
N SER B 358 4.65 -33.25 -3.83
CA SER B 358 3.27 -33.45 -3.37
C SER B 358 2.51 -34.44 -4.24
N GLU B 359 3.22 -35.38 -4.86
CA GLU B 359 2.54 -36.49 -5.51
C GLU B 359 2.08 -37.53 -4.49
N TYR B 360 2.70 -37.56 -3.33
CA TYR B 360 2.18 -38.24 -2.15
C TYR B 360 1.57 -37.19 -1.23
N TYR B 361 0.37 -37.45 -0.74
CA TYR B 361 -0.22 -36.54 0.25
C TYR B 361 -1.33 -37.26 0.99
N THR B 362 -1.64 -36.73 2.18
CA THR B 362 -2.71 -37.25 3.01
C THR B 362 -3.86 -36.24 3.05
N TYR B 363 -5.07 -36.74 3.24
CA TYR B 363 -6.26 -35.91 3.25
C TYR B 363 -7.39 -36.69 3.91
N ILE B 364 -8.49 -35.99 4.17
CA ILE B 364 -9.70 -36.56 4.72
C ILE B 364 -10.82 -36.36 3.69
N GLY B 365 -11.58 -37.43 3.43
CA GLY B 365 -12.72 -37.40 2.53
C GLY B 365 -14.02 -37.45 3.31
N ILE B 366 -15.05 -36.81 2.76
CA ILE B 366 -16.34 -36.72 3.43
C ILE B 366 -17.44 -36.92 2.39
N THR B 367 -18.39 -37.80 2.68
CA THR B 367 -19.51 -38.04 1.81
CA THR B 367 -19.51 -38.07 1.81
C THR B 367 -20.81 -37.93 2.60
N PRO B 368 -21.86 -37.37 2.00
CA PRO B 368 -23.12 -37.22 2.72
C PRO B 368 -23.73 -38.58 3.06
N ASN B 369 -24.37 -38.63 4.23
CA ASN B 369 -24.97 -39.84 4.76
C ASN B 369 -26.28 -39.53 5.48
N ASN B 370 -27.33 -39.24 4.70
CA ASN B 370 -28.66 -38.95 5.23
C ASN B 370 -28.63 -37.84 6.28
N GLY B 371 -28.18 -36.66 5.87
CA GLY B 371 -28.10 -35.56 6.83
C GLY B 371 -26.81 -35.57 7.63
N GLY B 372 -26.24 -36.76 7.84
CA GLY B 372 -24.94 -36.91 8.43
C GLY B 372 -23.87 -37.11 7.36
N THR B 373 -22.70 -37.56 7.81
CA THR B 373 -21.61 -37.85 6.88
C THR B 373 -20.96 -39.17 7.25
N LYS B 374 -20.32 -39.78 6.24
CA LYS B 374 -19.34 -40.83 6.42
C LYS B 374 -17.98 -40.29 6.01
N ASN B 375 -16.94 -40.64 6.77
CA ASN B 375 -15.65 -39.98 6.65
C ASN B 375 -14.52 -40.98 6.55
N PHE B 376 -13.42 -40.57 5.91
CA PHE B 376 -12.24 -41.42 5.88
C PHE B 376 -10.97 -40.57 5.84
N VAL B 377 -9.90 -41.12 6.38
CA VAL B 377 -8.57 -40.55 6.24
C VAL B 377 -7.84 -41.34 5.17
N ALA B 378 -6.99 -40.66 4.40
CA ALA B 378 -6.41 -41.31 3.24
C ALA B 378 -5.00 -40.81 3.00
N VAL B 379 -4.23 -41.63 2.29
CA VAL B 379 -2.98 -41.22 1.67
C VAL B 379 -3.09 -41.55 0.18
N ARG B 380 -2.75 -40.59 -0.67
CA ARG B 380 -2.70 -40.77 -2.12
C ARG B 380 -1.24 -40.94 -2.51
N ASP B 381 -0.94 -42.04 -3.19
CA ASP B 381 0.41 -42.35 -3.64
C ASP B 381 0.66 -41.70 -5.00
N SER B 382 1.94 -41.60 -5.35
CA SER B 382 2.30 -40.95 -6.61
C SER B 382 1.73 -41.69 -7.83
N ASP B 383 1.43 -42.98 -7.71
CA ASP B 383 0.86 -43.76 -8.81
C ASP B 383 -0.67 -43.70 -8.84
N GLY B 384 -1.28 -42.90 -7.99
CA GLY B 384 -2.72 -42.74 -7.98
C GLY B 384 -3.46 -43.63 -7.02
N HIS B 385 -2.79 -44.59 -6.40
CA HIS B 385 -3.45 -45.48 -5.45
C HIS B 385 -3.91 -44.69 -4.22
N ILE B 386 -5.10 -45.03 -3.74
CA ILE B 386 -5.69 -44.41 -2.56
C ILE B 386 -5.73 -45.47 -1.45
N ALA B 387 -5.09 -45.19 -0.33
CA ALA B 387 -5.20 -46.02 0.86
C ALA B 387 -6.08 -45.28 1.85
N SER B 388 -7.29 -45.78 2.10
CA SER B 388 -8.23 -45.06 2.94
C SER B 388 -8.70 -45.91 4.11
N ILE B 389 -9.05 -45.23 5.21
CA ILE B 389 -9.52 -45.86 6.43
C ILE B 389 -10.69 -45.05 6.95
N ASP B 390 -11.81 -45.72 7.22
CA ASP B 390 -12.98 -45.02 7.75
C ASP B 390 -12.70 -44.48 9.14
N ILE B 391 -13.12 -43.24 9.40
CA ILE B 391 -12.85 -42.56 10.65
C ILE B 391 -14.10 -41.90 11.18
N LEU B 392 -14.08 -41.61 12.48
CA LEU B 392 -15.08 -40.78 13.14
C LEU B 392 -16.49 -41.34 12.94
N GLN B 393 -16.60 -42.67 12.98
CA GLN B 393 -17.90 -43.28 12.83
C GLN B 393 -18.84 -42.94 13.97
N ASN B 394 -18.30 -42.60 15.14
CA ASN B 394 -19.10 -42.20 16.28
C ASN B 394 -19.53 -40.75 16.22
N TYR B 395 -19.21 -40.06 15.13
CA TYR B 395 -19.63 -38.68 14.94
C TYR B 395 -20.78 -38.64 13.94
N TYR B 396 -21.81 -37.85 14.28
CA TYR B 396 -22.93 -37.71 13.35
C TYR B 396 -22.48 -37.09 12.04
N SER B 397 -21.75 -35.98 12.10
CA SER B 397 -21.29 -35.31 10.88
C SER B 397 -19.95 -34.66 11.12
N ILE B 398 -19.11 -34.69 10.09
CA ILE B 398 -17.89 -33.90 9.98
C ILE B 398 -17.99 -33.09 8.69
N THR B 399 -17.74 -31.78 8.76
CA THR B 399 -17.95 -30.94 7.59
C THR B 399 -16.70 -30.23 7.08
N SER B 400 -15.54 -30.38 7.71
CA SER B 400 -14.33 -29.74 7.24
C SER B 400 -13.12 -30.51 7.77
N ALA B 401 -11.97 -30.28 7.13
CA ALA B 401 -10.73 -30.87 7.61
C ALA B 401 -9.55 -30.02 7.17
N THR B 402 -8.63 -29.74 8.09
CA THR B 402 -7.31 -29.19 7.79
C THR B 402 -6.27 -30.02 8.54
N ILE B 403 -5.17 -30.34 7.85
CA ILE B 403 -4.21 -31.33 8.32
C ILE B 403 -2.80 -30.75 8.27
N SER B 404 -2.03 -30.98 9.34
CA SER B 404 -0.61 -30.64 9.38
C SER B 404 0.18 -31.82 9.92
N CYS B 405 1.28 -32.15 9.27
CA CYS B 405 2.09 -33.29 9.70
C CYS B 405 3.50 -32.84 10.04
N PHE B 406 4.19 -33.70 10.78
CA PHE B 406 5.44 -33.37 11.44
C PHE B 406 6.11 -34.67 11.85
N MET B 407 7.36 -34.56 12.29
CA MET B 407 8.06 -35.70 12.87
C MET B 407 7.78 -35.74 14.37
N TYR B 408 7.54 -36.94 14.88
CA TYR B 408 7.19 -37.14 16.28
C TYR B 408 7.55 -38.58 16.62
N LYS B 409 8.42 -38.76 17.61
CA LYS B 409 8.89 -40.09 17.96
C LYS B 409 9.34 -40.87 16.73
N ASP B 410 10.17 -40.22 15.91
CA ASP B 410 10.87 -40.83 14.79
C ASP B 410 9.95 -41.26 13.65
N GLU B 411 8.71 -40.80 13.62
CA GLU B 411 7.80 -41.13 12.55
C GLU B 411 7.06 -39.87 12.12
N ILE B 412 6.46 -39.93 10.95
CA ILE B 412 5.57 -38.87 10.47
C ILE B 412 4.23 -39.02 11.17
N TRP B 413 3.82 -37.98 11.89
CA TRP B 413 2.50 -37.91 12.47
C TRP B 413 1.77 -36.71 11.91
N CYS B 414 0.45 -36.79 11.93
CA CYS B 414 -0.41 -35.72 11.47
C CYS B 414 -1.44 -35.42 12.52
N ILE B 415 -1.86 -34.15 12.57
CA ILE B 415 -3.01 -33.73 13.37
C ILE B 415 -4.05 -33.16 12.41
N ALA B 416 -5.29 -33.63 12.55
CA ALA B 416 -6.40 -33.19 11.72
C ALA B 416 -7.39 -32.43 12.58
N ILE B 417 -7.76 -31.24 12.13
CA ILE B 417 -8.75 -30.39 12.77
C ILE B 417 -10.01 -30.46 11.94
N THR B 418 -11.14 -30.84 12.56
CA THR B 418 -12.39 -31.05 11.84
C THR B 418 -13.56 -30.42 12.58
N GLU B 419 -14.38 -29.65 11.86
CA GLU B 419 -15.66 -29.20 12.37
C GLU B 419 -16.66 -30.35 12.30
N GLY B 420 -17.59 -30.39 13.22
CA GLY B 420 -18.62 -31.39 13.10
C GLY B 420 -19.57 -31.37 14.28
N LYS B 421 -20.48 -32.33 14.26
CA LYS B 421 -21.44 -32.58 15.31
C LYS B 421 -21.26 -34.02 15.77
N LYS B 422 -20.82 -34.20 17.01
CA LYS B 422 -20.59 -35.55 17.51
C LYS B 422 -21.90 -36.33 17.56
N GLN B 423 -22.94 -35.71 18.11
CA GLN B 423 -24.29 -36.25 18.10
C GLN B 423 -25.21 -35.33 17.34
N LYS B 424 -26.31 -35.91 16.83
CA LYS B 424 -27.19 -35.23 15.89
C LYS B 424 -27.73 -33.91 16.45
N ASP B 425 -28.02 -33.87 17.75
CA ASP B 425 -28.59 -32.70 18.38
C ASP B 425 -27.55 -31.71 18.93
N ASN B 426 -26.25 -32.01 18.81
CA ASN B 426 -25.24 -31.11 19.33
C ASN B 426 -25.08 -29.89 18.43
N PRO B 427 -24.65 -28.76 19.00
CA PRO B 427 -24.15 -27.66 18.19
C PRO B 427 -22.82 -28.03 17.56
N GLN B 428 -22.44 -27.30 16.52
CA GLN B 428 -21.17 -27.60 15.87
C GLN B 428 -19.99 -27.26 16.78
N ARG B 429 -19.02 -28.16 16.86
CA ARG B 429 -17.80 -27.93 17.61
C ARG B 429 -16.62 -28.29 16.72
N ILE B 430 -15.42 -28.02 17.21
CA ILE B 430 -14.19 -28.24 16.47
C ILE B 430 -13.39 -29.32 17.18
N TYR B 431 -12.96 -30.33 16.44
CA TYR B 431 -12.31 -31.47 17.04
C TYR B 431 -10.93 -31.69 16.44
N ALA B 432 -10.03 -32.23 17.26
CA ALA B 432 -8.65 -32.51 16.88
C ALA B 432 -8.34 -33.99 17.09
N HIS B 433 -7.69 -34.59 16.10
CA HIS B 433 -7.26 -35.96 16.20
C HIS B 433 -5.87 -36.10 15.60
N SER B 434 -5.20 -37.18 15.94
CA SER B 434 -3.86 -37.46 15.41
C SER B 434 -3.83 -38.85 14.81
N TYR B 435 -2.89 -39.02 13.88
CA TYR B 435 -2.62 -40.32 13.29
C TYR B 435 -1.22 -40.28 12.72
N LYS B 436 -0.66 -41.46 12.51
CA LYS B 436 0.68 -41.57 11.95
C LYS B 436 0.60 -41.91 10.47
N ILE B 437 1.72 -41.75 9.79
CA ILE B 437 1.88 -42.15 8.40
C ILE B 437 2.80 -43.37 8.38
N ARG B 438 2.33 -44.47 7.82
CA ARG B 438 3.09 -45.70 7.70
C ARG B 438 3.75 -45.77 6.33
N GLN B 439 5.00 -46.23 6.30
CA GLN B 439 5.78 -46.34 5.07
C GLN B 439 6.01 -47.82 4.79
N MET B 440 5.67 -48.25 3.58
CA MET B 440 5.66 -49.66 3.24
C MET B 440 6.20 -49.86 1.83
N CYS B 441 6.56 -51.11 1.54
CA CYS B 441 7.02 -51.49 0.22
C CYS B 441 6.23 -52.71 -0.21
N TYR B 442 5.50 -52.58 -1.31
CA TYR B 442 4.69 -53.63 -1.90
C TYR B 442 5.42 -54.26 -3.08
N ASN B 443 5.00 -55.48 -3.42
CA ASN B 443 5.47 -56.11 -4.64
C ASN B 443 4.43 -57.08 -5.18
N THR B 448 3.87 -60.86 1.13
CA THR B 448 3.80 -59.95 2.27
C THR B 448 4.15 -58.51 1.85
N VAL B 449 4.08 -57.61 2.81
CA VAL B 449 4.44 -56.20 2.63
C VAL B 449 5.55 -55.87 3.60
N THR B 450 6.60 -55.24 3.11
CA THR B 450 7.69 -54.81 3.98
C THR B 450 7.37 -53.41 4.51
N VAL B 451 7.38 -53.25 5.83
CA VAL B 451 7.04 -51.99 6.46
C VAL B 451 8.23 -51.53 7.30
N GLY B 452 8.57 -50.25 7.17
CA GLY B 452 9.65 -49.67 7.94
C GLY B 452 9.97 -48.25 7.50
CL CL C . 3.05 0.96 -16.61
CL CL D . 17.81 37.12 0.17
CL CL E . 12.47 13.10 20.71
CL CL F . 12.21 -5.49 8.62
CL CL G . -15.81 -11.47 -20.22
CL CL H . -12.78 -37.72 -1.86
#